data_5D7A
#
_entry.id   5D7A
#
_cell.length_a   212.620
_cell.length_b   124.972
_cell.length_c   49.897
_cell.angle_alpha   90.00
_cell.angle_beta   96.32
_cell.angle_gamma   90.00
#
_symmetry.space_group_name_H-M   'C 1 2 1'
#
loop_
_entity.id
_entity.type
_entity.pdbx_description
1 polymer 'TRAF2 and NCK-interacting protein kinase'
2 non-polymer cis-4-{[2-(1H-benzimidazol-5-ylamino)quinazolin-8-yl]oxy}cyclohexanol
3 non-polymer 'SULFATE ION'
4 water water
#
_entity_poly.entity_id   1
_entity_poly.type   'polypeptide(L)'
_entity_poly.pdbx_seq_one_letter_code
;GSGADEIDLSALRDPAGIFELVELVGNGTYGQVYKGRHVKTGQLAAIKVMDVTGDEEEEIKQEINMLKKYSHHRNIATYY
GAFIKKNPPGMDDQLWLVMEFCGAGSVTDLIKNTKGNTLKEEWIAYICREILRGLSHLHQHKVIHRDIKGQNVLLTENAE
VKLVDFGVSAQLDRTVGRRNTFIGTPYWMAPEVIACDENPDATYDFKSDLWSLGITAIEMAEGAPPLCDMHPMRALFLIP
RNPAPRLKSKKWSKKFQSFIESCLVKNHSQRPATEQLMKHPFIRDQPNERQVRIQLKDHIDRTKKKRG
;
_entity_poly.pdbx_strand_id   A,B,C
#
loop_
_chem_comp.id
_chem_comp.type
_chem_comp.name
_chem_comp.formula
58C non-polymer cis-4-{[2-(1H-benzimidazol-5-ylamino)quinazolin-8-yl]oxy}cyclohexanol 'C21 H21 N5 O2'
SO4 non-polymer 'SULFATE ION' 'O4 S -2'
#
# COMPACT_ATOMS: atom_id res chain seq x y z
N ASP A 5 -10.44 1.44 34.86
CA ASP A 5 -11.19 1.48 36.11
C ASP A 5 -12.38 2.43 35.98
N GLU A 6 -12.45 3.42 36.87
CA GLU A 6 -13.50 4.44 36.84
C GLU A 6 -13.10 5.68 36.05
N ILE A 7 -12.39 5.50 34.94
CA ILE A 7 -11.89 6.61 34.15
C ILE A 7 -12.83 6.94 32.99
N ASP A 8 -13.05 8.22 32.74
CA ASP A 8 -13.82 8.66 31.57
C ASP A 8 -12.89 9.35 30.60
N LEU A 9 -12.66 8.74 29.45
CA LEU A 9 -11.72 9.27 28.47
C LEU A 9 -12.19 10.57 27.82
N SER A 10 -13.51 10.74 27.72
CA SER A 10 -14.06 11.90 27.03
C SER A 10 -14.11 13.14 27.93
N ALA A 11 -13.72 12.98 29.19
CA ALA A 11 -13.66 14.09 30.13
C ALA A 11 -12.22 14.53 30.34
N LEU A 12 -11.39 14.29 29.34
CA LEU A 12 -9.97 14.62 29.41
C LEU A 12 -9.68 15.84 28.57
N ARG A 13 -8.80 16.70 29.05
CA ARG A 13 -8.50 17.93 28.33
C ARG A 13 -7.79 17.66 27.02
N ASP A 14 -7.96 18.57 26.07
CA ASP A 14 -7.17 18.57 24.85
C ASP A 14 -5.78 19.05 25.21
N PRO A 15 -4.73 18.45 24.63
CA PRO A 15 -3.38 18.85 25.00
C PRO A 15 -3.03 20.27 24.56
N ALA A 16 -3.86 20.84 23.70
CA ALA A 16 -3.65 22.16 23.13
C ALA A 16 -3.29 23.20 24.18
N GLY A 17 -2.12 23.82 24.02
CA GLY A 17 -1.68 24.86 24.92
C GLY A 17 -1.14 24.38 26.26
N ILE A 18 -1.32 23.09 26.56
CA ILE A 18 -0.83 22.52 27.81
C ILE A 18 0.45 21.72 27.60
N PHE A 19 0.43 20.87 26.57
CA PHE A 19 1.62 20.13 26.15
C PHE A 19 1.76 20.22 24.63
N GLU A 20 2.99 20.19 24.15
CA GLU A 20 3.22 20.18 22.71
C GLU A 20 4.36 19.22 22.36
N LEU A 21 4.32 18.71 21.13
CA LEU A 21 5.33 17.75 20.69
C LEU A 21 6.56 18.44 20.13
N VAL A 22 7.73 18.08 20.63
CA VAL A 22 8.97 18.63 20.09
C VAL A 22 9.52 17.68 19.02
N GLU A 23 10.18 16.62 19.45
CA GLU A 23 10.77 15.66 18.52
C GLU A 23 10.41 14.22 18.86
N LEU A 24 10.48 13.34 17.87
CA LEU A 24 10.19 11.92 18.07
C LEU A 24 11.36 11.22 18.75
N VAL A 25 11.05 10.31 19.65
CA VAL A 25 12.06 9.58 20.40
C VAL A 25 12.10 8.11 19.97
N GLY A 26 10.92 7.52 19.75
CA GLY A 26 10.83 6.14 19.31
C GLY A 26 9.44 5.54 19.44
N ASN A 27 9.35 4.23 19.24
CA ASN A 27 8.08 3.50 19.31
C ASN A 27 7.97 2.60 20.53
N GLY A 28 6.75 2.44 21.03
CA GLY A 28 6.52 1.66 22.24
C GLY A 28 5.42 0.64 22.10
N THR A 29 4.90 0.18 23.24
CA THR A 29 3.85 -0.81 23.27
C THR A 29 2.53 -0.24 22.74
N TYR A 30 2.30 -0.43 21.45
CA TYR A 30 1.14 0.12 20.74
C TYR A 30 1.05 1.64 20.91
N GLY A 31 2.02 2.35 20.34
CA GLY A 31 2.03 3.81 20.38
C GLY A 31 3.39 4.45 20.15
N GLN A 32 3.38 5.66 19.59
CA GLN A 32 4.61 6.42 19.34
C GLN A 32 4.95 7.34 20.52
N VAL A 33 6.25 7.51 20.78
CA VAL A 33 6.69 8.25 21.95
C VAL A 33 7.54 9.48 21.59
N TYR A 34 7.09 10.65 22.02
CA TYR A 34 7.80 11.90 21.74
C TYR A 34 8.46 12.52 22.97
N LYS A 35 9.53 13.25 22.71
CA LYS A 35 10.04 14.22 23.65
C LYS A 35 9.11 15.42 23.58
N GLY A 36 8.37 15.66 24.65
CA GLY A 36 7.41 16.75 24.69
C GLY A 36 7.87 17.86 25.59
N ARG A 37 7.22 19.01 25.47
CA ARG A 37 7.54 20.17 26.30
C ARG A 37 6.27 20.73 26.92
N HIS A 38 6.37 21.10 28.19
CA HIS A 38 5.25 21.70 28.90
C HIS A 38 5.18 23.19 28.56
N VAL A 39 4.09 23.58 27.90
CA VAL A 39 4.00 24.89 27.24
C VAL A 39 4.37 26.08 28.13
N LYS A 40 3.80 26.16 29.32
CA LYS A 40 3.96 27.34 30.19
C LYS A 40 5.09 27.23 31.20
N THR A 41 5.91 26.19 31.11
CA THR A 41 7.05 26.02 32.01
C THR A 41 8.28 25.60 31.24
N GLY A 42 8.07 25.10 30.03
CA GLY A 42 9.16 24.69 29.17
C GLY A 42 9.82 23.41 29.63
N GLN A 43 9.24 22.76 30.64
CA GLN A 43 9.77 21.51 31.16
C GLN A 43 9.53 20.35 30.20
N LEU A 44 10.48 19.44 30.11
CA LEU A 44 10.37 18.29 29.24
C LEU A 44 9.52 17.17 29.85
N ALA A 45 8.87 16.40 29.00
CA ALA A 45 8.07 15.26 29.44
C ALA A 45 7.97 14.27 28.29
N ALA A 46 7.87 12.98 28.58
CA ALA A 46 7.67 11.99 27.52
C ALA A 46 6.19 11.89 27.18
N ILE A 47 5.88 11.87 25.90
CA ILE A 47 4.49 11.78 25.48
C ILE A 47 4.27 10.63 24.52
N LYS A 48 3.48 9.66 24.97
CA LYS A 48 3.09 8.52 24.16
C LYS A 48 1.77 8.83 23.48
N VAL A 49 1.76 8.79 22.16
CA VAL A 49 0.52 9.03 21.44
C VAL A 49 -0.06 7.71 20.94
N MET A 50 -1.35 7.52 21.22
CA MET A 50 -2.06 6.31 20.84
C MET A 50 -3.38 6.68 20.19
N ASP A 51 -3.83 5.85 19.25
CA ASP A 51 -5.12 6.06 18.62
C ASP A 51 -6.20 5.30 19.40
N VAL A 52 -7.22 6.02 19.87
CA VAL A 52 -8.30 5.41 20.63
C VAL A 52 -9.38 4.87 19.68
N THR A 53 -9.64 3.57 19.78
CA THR A 53 -10.57 2.92 18.86
C THR A 53 -11.53 1.98 19.58
N GLY A 54 -11.87 0.88 18.92
CA GLY A 54 -12.80 -0.09 19.47
C GLY A 54 -12.20 -0.90 20.60
N ASP A 55 -11.44 -1.94 20.24
CA ASP A 55 -10.80 -2.83 21.19
C ASP A 55 -9.98 -2.08 22.23
N GLU A 56 -9.25 -1.08 21.76
CA GLU A 56 -8.21 -0.46 22.55
C GLU A 56 -8.71 0.48 23.67
N GLU A 57 -10.00 0.79 23.69
CA GLU A 57 -10.50 1.73 24.69
C GLU A 57 -10.32 1.23 26.11
N GLU A 58 -10.87 0.07 26.43
CA GLU A 58 -10.83 -0.44 27.80
C GLU A 58 -9.41 -0.83 28.21
N GLU A 59 -8.58 -1.17 27.23
CA GLU A 59 -7.17 -1.45 27.47
C GLU A 59 -6.43 -0.17 27.88
N ILE A 60 -6.80 0.94 27.23
CA ILE A 60 -6.24 2.25 27.55
C ILE A 60 -6.60 2.69 28.97
N LYS A 61 -7.86 2.46 29.35
CA LYS A 61 -8.33 2.81 30.67
C LYS A 61 -7.51 2.09 31.76
N GLN A 62 -7.07 0.87 31.45
CA GLN A 62 -6.38 0.09 32.46
C GLN A 62 -4.93 0.51 32.63
N GLU A 63 -4.25 0.83 31.52
CA GLU A 63 -2.87 1.30 31.64
C GLU A 63 -2.83 2.62 32.40
N ILE A 64 -3.78 3.52 32.10
CA ILE A 64 -3.85 4.79 32.80
C ILE A 64 -4.09 4.57 34.29
N ASN A 65 -5.06 3.72 34.60
CA ASN A 65 -5.30 3.36 35.99
C ASN A 65 -4.04 2.76 36.60
N MET A 66 -3.39 1.88 35.86
CA MET A 66 -2.17 1.24 36.33
C MET A 66 -1.08 2.26 36.62
N LEU A 67 -0.80 3.10 35.62
CA LEU A 67 0.24 4.12 35.75
C LEU A 67 -0.04 5.08 36.90
N LYS A 68 -1.31 5.47 37.08
CA LYS A 68 -1.66 6.34 38.19
C LYS A 68 -1.30 5.69 39.51
N LYS A 69 -1.64 4.40 39.64
CA LYS A 69 -1.49 3.68 40.90
C LYS A 69 -0.04 3.37 41.26
N TYR A 70 0.74 2.86 40.30
CA TYR A 70 1.99 2.20 40.67
C TYR A 70 3.28 2.90 40.22
N SER A 71 3.16 4.07 39.58
CA SER A 71 4.34 4.70 38.99
C SER A 71 5.04 5.69 39.93
N HIS A 72 4.52 5.84 41.14
CA HIS A 72 5.11 6.81 42.06
C HIS A 72 6.35 6.22 42.74
N HIS A 73 6.82 5.09 42.24
CA HIS A 73 8.03 4.46 42.75
C HIS A 73 9.26 5.06 42.07
N ARG A 74 10.40 5.05 42.76
CA ARG A 74 11.58 5.76 42.29
C ARG A 74 12.28 5.06 41.13
N ASN A 75 11.82 3.86 40.79
CA ASN A 75 12.40 3.10 39.68
C ASN A 75 11.38 2.86 38.59
N ILE A 76 10.29 3.63 38.66
CA ILE A 76 9.25 3.61 37.66
C ILE A 76 9.09 5.02 37.12
N ALA A 77 9.21 5.19 35.81
CA ALA A 77 8.99 6.49 35.19
C ALA A 77 7.59 6.98 35.54
N THR A 78 7.49 8.23 35.97
CA THR A 78 6.27 8.72 36.62
C THR A 78 5.23 9.29 35.64
N TYR A 79 3.97 8.96 35.93
CA TYR A 79 2.83 9.42 35.16
C TYR A 79 2.49 10.86 35.52
N TYR A 80 2.39 11.73 34.52
CA TYR A 80 2.04 13.14 34.74
C TYR A 80 0.56 13.41 34.52
N GLY A 81 0.00 12.79 33.48
CA GLY A 81 -1.40 13.00 33.14
C GLY A 81 -1.74 12.48 31.75
N ALA A 82 -2.99 12.66 31.35
CA ALA A 82 -3.49 12.13 30.08
C ALA A 82 -4.41 13.13 29.39
N PHE A 83 -4.34 13.18 28.07
CA PHE A 83 -5.13 14.12 27.29
C PHE A 83 -5.67 13.43 26.04
N ILE A 84 -6.88 13.78 25.64
CA ILE A 84 -7.40 13.29 24.36
C ILE A 84 -7.55 14.42 23.36
N LYS A 85 -6.97 14.24 22.18
CA LYS A 85 -7.20 15.12 21.05
C LYS A 85 -8.32 14.54 20.21
N LYS A 86 -9.55 14.94 20.53
CA LYS A 86 -10.74 14.43 19.86
C LYS A 86 -10.73 14.72 18.36
N ASN A 87 -10.95 13.67 17.58
CA ASN A 87 -10.99 13.77 16.14
C ASN A 87 -12.41 13.50 15.64
N PRO A 88 -12.74 13.93 14.40
CA PRO A 88 -14.08 13.76 13.82
C PRO A 88 -14.67 12.36 14.04
N PRO A 89 -16.01 12.27 14.07
CA PRO A 89 -16.67 10.98 14.28
C PRO A 89 -16.39 10.02 13.13
N GLY A 90 -16.33 8.73 13.43
CA GLY A 90 -15.95 7.73 12.45
C GLY A 90 -14.46 7.50 12.50
N MET A 91 -13.75 8.43 13.13
CA MET A 91 -12.32 8.32 13.27
C MET A 91 -11.83 8.10 14.71
N ASP A 92 -10.55 7.78 14.81
CA ASP A 92 -9.89 7.47 16.07
C ASP A 92 -9.37 8.72 16.78
N ASP A 93 -9.82 8.92 18.03
CA ASP A 93 -9.28 9.99 18.86
C ASP A 93 -7.83 9.69 19.22
N GLN A 94 -6.99 10.71 19.37
CA GLN A 94 -5.60 10.51 19.76
C GLN A 94 -5.39 10.76 21.26
N LEU A 95 -4.86 9.75 21.94
CA LEU A 95 -4.63 9.84 23.38
C LEU A 95 -3.17 10.15 23.69
N TRP A 96 -2.92 11.21 24.45
CA TRP A 96 -1.56 11.54 24.86
C TRP A 96 -1.31 11.08 26.29
N LEU A 97 -0.46 10.08 26.44
CA LEU A 97 -0.01 9.66 27.75
C LEU A 97 1.23 10.46 28.14
N VAL A 98 1.09 11.35 29.11
CA VAL A 98 2.21 12.23 29.46
C VAL A 98 2.94 11.69 30.67
N MET A 99 4.25 11.54 30.54
CA MET A 99 5.07 10.93 31.58
C MET A 99 6.46 11.55 31.75
N GLU A 100 7.11 11.20 32.86
CA GLU A 100 8.46 11.66 33.15
C GLU A 100 9.43 11.39 32.00
N PHE A 101 10.16 12.41 31.58
CA PHE A 101 11.14 12.26 30.52
C PHE A 101 12.51 11.88 31.08
N CYS A 102 12.92 10.65 30.79
CA CYS A 102 14.26 10.19 31.17
C CYS A 102 15.23 10.52 30.04
N GLY A 103 15.96 11.62 30.21
CA GLY A 103 16.70 12.23 29.12
C GLY A 103 17.95 11.54 28.63
N ALA A 104 18.42 10.54 29.37
CA ALA A 104 19.65 9.86 28.99
C ALA A 104 19.40 8.70 28.04
N GLY A 105 18.13 8.41 27.79
CA GLY A 105 17.78 7.31 26.91
C GLY A 105 17.73 5.96 27.60
N SER A 106 17.79 4.89 26.79
CA SER A 106 17.68 3.54 27.31
C SER A 106 19.05 2.98 27.63
N VAL A 107 19.08 1.83 28.28
CA VAL A 107 20.33 1.12 28.55
C VAL A 107 20.96 0.67 27.23
N THR A 108 20.11 0.36 26.27
CA THR A 108 20.57 0.02 24.93
C THR A 108 21.43 1.15 24.37
N ASP A 109 20.96 2.39 24.50
CA ASP A 109 21.75 3.55 24.10
C ASP A 109 23.05 3.62 24.88
N LEU A 110 22.97 3.43 26.18
CA LEU A 110 24.15 3.46 27.03
C LEU A 110 25.18 2.47 26.52
N ILE A 111 24.73 1.28 26.17
CA ILE A 111 25.60 0.24 25.66
C ILE A 111 26.34 0.70 24.40
N LYS A 112 25.59 1.26 23.45
CA LYS A 112 26.17 1.69 22.18
C LYS A 112 27.13 2.87 22.35
N ASN A 113 26.83 3.75 23.29
CA ASN A 113 27.68 4.91 23.57
C ASN A 113 28.88 4.56 24.44
N THR A 114 29.03 3.28 24.77
CA THR A 114 30.21 2.82 25.51
C THR A 114 31.08 2.02 24.55
N LYS A 115 32.37 2.34 24.52
CA LYS A 115 33.29 1.71 23.57
C LYS A 115 33.34 0.21 23.78
N GLY A 116 33.34 -0.53 22.68
CA GLY A 116 33.34 -1.99 22.73
C GLY A 116 31.96 -2.54 23.03
N ASN A 117 31.05 -1.65 23.41
CA ASN A 117 29.67 -2.00 23.70
C ASN A 117 29.52 -2.98 24.87
N THR A 118 30.31 -2.79 25.92
CA THR A 118 30.17 -3.57 27.14
C THR A 118 30.29 -2.66 28.35
N LEU A 119 29.60 -2.99 29.43
CA LEU A 119 29.65 -2.20 30.64
C LEU A 119 30.46 -2.92 31.72
N LYS A 120 31.01 -2.16 32.67
CA LYS A 120 31.69 -2.77 33.79
C LYS A 120 30.72 -3.61 34.64
N GLU A 121 31.26 -4.53 35.42
CA GLU A 121 30.44 -5.27 36.37
C GLU A 121 29.76 -4.33 37.35
N GLU A 122 30.54 -3.38 37.88
CA GLU A 122 30.03 -2.44 38.87
C GLU A 122 28.83 -1.69 38.30
N TRP A 123 28.94 -1.31 37.03
CA TRP A 123 27.84 -0.66 36.34
C TRP A 123 26.62 -1.58 36.23
N ILE A 124 26.84 -2.78 35.69
CA ILE A 124 25.79 -3.78 35.53
C ILE A 124 25.11 -4.11 36.86
N ALA A 125 25.91 -4.29 37.91
CA ALA A 125 25.37 -4.60 39.22
C ALA A 125 24.43 -3.51 39.72
N TYR A 126 24.77 -2.25 39.45
CA TYR A 126 23.94 -1.13 39.87
C TYR A 126 22.59 -1.15 39.16
N ILE A 127 22.63 -1.31 37.85
CA ILE A 127 21.44 -1.24 37.02
C ILE A 127 20.49 -2.40 37.28
N CYS A 128 21.03 -3.60 37.45
CA CYS A 128 20.19 -4.77 37.74
C CYS A 128 19.48 -4.62 39.08
N ARG A 129 20.19 -4.11 40.08
CA ARG A 129 19.57 -3.88 41.38
C ARG A 129 18.39 -2.95 41.24
N GLU A 130 18.61 -1.82 40.57
CA GLU A 130 17.57 -0.82 40.41
C GLU A 130 16.39 -1.41 39.66
N ILE A 131 16.67 -2.14 38.58
CA ILE A 131 15.63 -2.82 37.81
C ILE A 131 14.83 -3.75 38.70
N LEU A 132 15.54 -4.55 39.50
CA LEU A 132 14.90 -5.47 40.42
C LEU A 132 13.97 -4.76 41.40
N ARG A 133 14.42 -3.62 41.93
CA ARG A 133 13.63 -2.85 42.90
C ARG A 133 12.30 -2.44 42.30
N GLY A 134 12.35 -2.03 41.03
CA GLY A 134 11.14 -1.67 40.29
C GLY A 134 10.27 -2.88 40.06
N LEU A 135 10.90 -4.01 39.78
CA LEU A 135 10.18 -5.25 39.59
C LEU A 135 9.50 -5.68 40.87
N SER A 136 10.25 -5.59 41.97
CA SER A 136 9.70 -5.94 43.28
C SER A 136 8.51 -5.06 43.61
N HIS A 137 8.59 -3.80 43.23
CA HIS A 137 7.47 -2.89 43.45
C HIS A 137 6.25 -3.36 42.68
N LEU A 138 6.45 -3.76 41.42
CA LEU A 138 5.36 -4.20 40.57
C LEU A 138 4.76 -5.51 41.05
N HIS A 139 5.63 -6.50 41.28
CA HIS A 139 5.19 -7.85 41.64
C HIS A 139 4.38 -7.85 42.93
N GLN A 140 4.76 -6.97 43.86
CA GLN A 140 4.02 -6.84 45.11
C GLN A 140 2.58 -6.43 44.84
N HIS A 141 2.39 -5.65 43.79
CA HIS A 141 1.05 -5.21 43.41
C HIS A 141 0.46 -6.10 42.33
N LYS A 142 1.02 -7.31 42.20
CA LYS A 142 0.50 -8.34 41.31
C LYS A 142 0.53 -7.90 39.84
N VAL A 143 1.50 -7.06 39.51
CA VAL A 143 1.69 -6.58 38.16
C VAL A 143 2.92 -7.24 37.53
N ILE A 144 2.73 -7.84 36.35
CA ILE A 144 3.83 -8.42 35.62
C ILE A 144 4.32 -7.45 34.55
N HIS A 145 5.63 -7.22 34.52
CA HIS A 145 6.23 -6.27 33.60
C HIS A 145 6.06 -6.66 32.14
N ARG A 146 6.37 -7.93 31.86
CA ARG A 146 6.14 -8.59 30.57
C ARG A 146 7.10 -8.20 29.45
N ASP A 147 7.85 -7.12 29.62
CA ASP A 147 8.73 -6.66 28.55
C ASP A 147 10.03 -6.06 29.06
N ILE A 148 10.69 -6.75 29.97
CA ILE A 148 11.99 -6.31 30.45
C ILE A 148 13.05 -6.53 29.38
N LYS A 149 13.75 -5.46 29.02
CA LYS A 149 14.96 -5.55 28.20
C LYS A 149 15.67 -4.20 28.20
N GLY A 150 16.92 -4.18 27.74
CA GLY A 150 17.74 -2.98 27.78
C GLY A 150 17.11 -1.77 27.11
N GLN A 151 16.12 -2.00 26.26
CA GLN A 151 15.43 -0.93 25.55
C GLN A 151 14.39 -0.25 26.44
N ASN A 152 13.86 -0.99 27.41
CA ASN A 152 12.83 -0.46 28.30
C ASN A 152 13.35 -0.06 29.67
N VAL A 153 14.66 -0.06 29.82
CA VAL A 153 15.25 0.40 31.06
C VAL A 153 15.93 1.74 30.80
N LEU A 154 15.36 2.79 31.36
CA LEU A 154 15.83 4.13 31.06
C LEU A 154 16.69 4.69 32.17
N LEU A 155 17.55 5.62 31.80
CA LEU A 155 18.36 6.36 32.75
C LEU A 155 18.02 7.83 32.67
N THR A 156 17.99 8.49 33.82
CA THR A 156 17.78 9.92 33.86
C THR A 156 19.13 10.61 33.84
N GLU A 157 19.10 11.94 33.74
CA GLU A 157 20.34 12.71 33.65
C GLU A 157 21.09 12.75 34.98
N ASN A 158 20.48 12.23 36.04
CA ASN A 158 21.16 12.05 37.31
C ASN A 158 21.48 10.57 37.54
N ALA A 159 21.47 9.81 36.45
CA ALA A 159 21.76 8.37 36.45
C ALA A 159 20.81 7.54 37.32
N GLU A 160 19.56 8.00 37.44
CA GLU A 160 18.53 7.18 38.07
C GLU A 160 17.98 6.19 37.03
N VAL A 161 17.55 5.02 37.50
CA VAL A 161 17.12 3.95 36.60
C VAL A 161 15.62 3.70 36.69
N LYS A 162 14.91 3.90 35.57
CA LYS A 162 13.44 3.80 35.57
C LYS A 162 12.93 2.79 34.56
N LEU A 163 11.83 2.13 34.89
CA LEU A 163 11.23 1.15 33.99
C LEU A 163 10.04 1.72 33.25
N VAL A 164 9.85 1.28 32.01
CA VAL A 164 8.76 1.77 31.18
C VAL A 164 8.10 0.61 30.41
N ASP A 165 6.89 0.88 29.90
CA ASP A 165 6.17 -0.05 29.03
C ASP A 165 5.87 -1.39 29.67
N PHE A 166 5.36 -1.38 30.90
CA PHE A 166 5.04 -2.60 31.62
C PHE A 166 3.54 -2.88 31.64
N GLY A 167 3.18 -4.14 31.87
CA GLY A 167 1.80 -4.57 32.04
C GLY A 167 0.88 -4.19 30.89
N VAL A 168 1.41 -4.24 29.67
CA VAL A 168 0.69 -3.82 28.47
C VAL A 168 1.37 -4.39 27.24
N ASN A 180 -3.91 -10.38 18.26
CA ASN A 180 -3.97 -11.50 19.19
C ASN A 180 -3.16 -12.70 18.71
N THR A 181 -2.60 -12.59 17.51
CA THR A 181 -1.91 -13.71 16.89
C THR A 181 -0.55 -13.37 16.30
N PHE A 182 0.00 -12.20 16.66
CA PHE A 182 1.38 -11.90 16.29
C PHE A 182 2.33 -12.53 17.30
N ILE A 183 3.60 -12.65 16.92
CA ILE A 183 4.64 -13.10 17.85
C ILE A 183 5.78 -12.06 17.91
N GLY A 184 6.05 -11.53 19.08
CA GLY A 184 7.09 -10.52 19.21
C GLY A 184 8.48 -11.06 18.97
N THR A 185 9.49 -10.30 19.38
CA THR A 185 10.86 -10.79 19.31
C THR A 185 11.06 -11.79 20.45
N PRO A 186 11.64 -12.95 20.13
CA PRO A 186 11.77 -14.07 21.08
C PRO A 186 12.94 -13.95 22.07
N TYR A 187 13.94 -13.15 21.74
CA TYR A 187 15.24 -13.24 22.42
C TYR A 187 15.20 -12.98 23.93
N TRP A 188 14.17 -12.30 24.42
CA TRP A 188 14.09 -12.03 25.85
C TRP A 188 13.05 -12.92 26.54
N MET A 189 12.50 -13.86 25.79
CA MET A 189 11.42 -14.69 26.30
C MET A 189 11.96 -15.85 27.12
N ALA A 190 11.23 -16.17 28.19
CA ALA A 190 11.56 -17.29 29.08
C ALA A 190 10.88 -18.55 28.57
N PRO A 191 11.52 -19.73 28.78
CA PRO A 191 11.01 -21.00 28.25
C PRO A 191 9.53 -21.24 28.53
N GLU A 192 9.04 -20.80 29.69
CA GLU A 192 7.64 -21.03 30.06
C GLU A 192 6.68 -20.14 29.29
N VAL A 193 7.21 -19.17 28.56
CA VAL A 193 6.41 -18.23 27.81
C VAL A 193 6.20 -18.75 26.38
N ILE A 194 7.09 -19.65 25.97
CA ILE A 194 7.07 -20.20 24.62
C ILE A 194 6.21 -21.44 24.50
N ALA A 195 5.01 -21.27 23.96
CA ALA A 195 4.07 -22.37 23.80
C ALA A 195 4.54 -23.35 22.75
N CYS A 196 4.36 -24.64 23.03
CA CYS A 196 4.80 -25.70 22.14
C CYS A 196 4.10 -27.01 22.52
N ASP A 197 4.64 -28.12 22.02
CA ASP A 197 4.06 -29.42 22.34
C ASP A 197 4.13 -29.73 23.83
N GLU A 198 5.34 -29.69 24.38
CA GLU A 198 5.55 -30.00 25.79
C GLU A 198 4.94 -28.96 26.72
N ASN A 199 4.48 -27.85 26.15
CA ASN A 199 3.92 -26.74 26.93
C ASN A 199 2.90 -25.93 26.14
N PRO A 200 1.66 -26.43 26.06
CA PRO A 200 0.57 -25.75 25.34
C PRO A 200 0.00 -24.57 26.12
N ASP A 201 -0.04 -24.68 27.44
CA ASP A 201 -0.54 -23.62 28.31
C ASP A 201 0.59 -22.70 28.74
N ALA A 202 0.97 -21.79 27.86
CA ALA A 202 2.06 -20.88 28.16
C ALA A 202 1.50 -19.52 28.54
N THR A 203 1.80 -19.09 29.77
CA THR A 203 1.42 -17.76 30.25
C THR A 203 2.59 -17.08 30.94
N TYR A 204 2.46 -15.76 31.12
CA TYR A 204 3.49 -14.96 31.76
C TYR A 204 3.42 -15.04 33.29
N ASP A 205 4.53 -15.38 33.91
CA ASP A 205 4.62 -15.48 35.35
C ASP A 205 5.47 -14.32 35.85
N PHE A 206 5.43 -14.05 37.15
CA PHE A 206 6.30 -13.03 37.72
C PHE A 206 7.76 -13.41 37.51
N LYS A 207 8.05 -14.71 37.49
CA LYS A 207 9.40 -15.18 37.31
C LYS A 207 9.91 -15.05 35.87
N SER A 208 8.99 -14.83 34.94
CA SER A 208 9.37 -14.59 33.56
C SER A 208 10.14 -13.28 33.42
N ASP A 209 9.74 -12.28 34.21
CA ASP A 209 10.46 -11.01 34.26
C ASP A 209 11.90 -11.21 34.73
N LEU A 210 12.11 -12.19 35.60
CA LEU A 210 13.43 -12.44 36.16
C LEU A 210 14.36 -13.11 35.14
N TRP A 211 13.79 -13.92 34.26
CA TRP A 211 14.54 -14.47 33.14
C TRP A 211 14.93 -13.35 32.18
N SER A 212 13.96 -12.52 31.80
CA SER A 212 14.21 -11.38 30.91
C SER A 212 15.33 -10.48 31.44
N LEU A 213 15.36 -10.28 32.76
CA LEU A 213 16.41 -9.50 33.40
C LEU A 213 17.77 -10.15 33.20
N GLY A 214 17.80 -11.47 33.27
CA GLY A 214 19.04 -12.21 33.09
C GLY A 214 19.60 -12.00 31.70
N ILE A 215 18.72 -12.03 30.71
CA ILE A 215 19.10 -11.75 29.34
C ILE A 215 19.64 -10.32 29.22
N THR A 216 18.95 -9.37 29.87
CA THR A 216 19.36 -7.98 29.85
C THR A 216 20.77 -7.82 30.40
N ALA A 217 21.07 -8.54 31.47
CA ALA A 217 22.40 -8.46 32.07
C ALA A 217 23.47 -8.91 31.09
N ILE A 218 23.14 -9.88 30.24
CA ILE A 218 24.07 -10.31 29.19
C ILE A 218 24.09 -9.26 28.09
N GLU A 219 22.93 -8.70 27.79
CA GLU A 219 22.80 -7.61 26.84
C GLU A 219 23.75 -6.49 27.25
N MET A 220 23.81 -6.20 28.54
CA MET A 220 24.75 -5.22 29.06
C MET A 220 26.20 -5.70 28.96
N ALA A 221 26.41 -6.98 29.22
CA ALA A 221 27.77 -7.52 29.27
C ALA A 221 28.36 -7.82 27.90
N GLU A 222 27.52 -7.80 26.85
CA GLU A 222 27.94 -8.26 25.52
C GLU A 222 27.39 -7.42 24.36
N GLY A 223 26.52 -6.47 24.65
CA GLY A 223 25.99 -5.60 23.61
C GLY A 223 24.76 -6.15 22.92
N ALA A 224 24.54 -7.45 23.06
CA ALA A 224 23.38 -8.10 22.46
C ALA A 224 22.98 -9.33 23.27
N PRO A 225 21.72 -9.74 23.18
CA PRO A 225 21.26 -10.93 23.90
C PRO A 225 21.79 -12.22 23.30
N PRO A 226 21.68 -13.33 24.04
CA PRO A 226 21.96 -14.66 23.48
C PRO A 226 21.14 -14.94 22.22
N LEU A 227 21.75 -15.63 21.26
CA LEU A 227 21.07 -16.05 20.02
C LEU A 227 20.71 -14.90 19.08
N CYS A 228 21.41 -13.79 19.19
CA CYS A 228 21.08 -12.61 18.37
C CYS A 228 21.46 -12.82 16.91
N ASP A 229 22.46 -13.68 16.67
CA ASP A 229 22.91 -13.97 15.30
C ASP A 229 22.10 -15.08 14.66
N MET A 230 20.80 -15.10 14.93
CA MET A 230 19.96 -16.19 14.46
C MET A 230 18.57 -15.74 14.11
N HIS A 231 18.01 -16.33 13.07
CA HIS A 231 16.64 -16.07 12.67
C HIS A 231 15.71 -16.23 13.88
N PRO A 232 14.84 -15.24 14.11
CA PRO A 232 13.93 -15.18 15.26
C PRO A 232 13.11 -16.46 15.45
N MET A 233 12.62 -17.04 14.36
CA MET A 233 11.85 -18.27 14.45
C MET A 233 12.71 -19.41 14.94
N ARG A 234 13.99 -19.38 14.60
CA ARG A 234 14.87 -20.45 15.05
C ARG A 234 15.29 -20.22 16.49
N ALA A 235 15.38 -18.95 16.90
CA ALA A 235 15.73 -18.62 18.28
C ALA A 235 14.61 -19.00 19.21
N LEU A 236 13.38 -18.73 18.80
CA LEU A 236 12.18 -19.11 19.55
C LEU A 236 12.18 -20.60 19.82
N PHE A 237 12.57 -21.37 18.80
CA PHE A 237 12.62 -22.82 18.84
C PHE A 237 13.71 -23.35 19.78
N LEU A 238 14.86 -22.70 19.80
CA LEU A 238 16.02 -23.17 20.55
C LEU A 238 15.97 -22.87 22.05
N ILE A 239 15.34 -21.76 22.41
CA ILE A 239 15.33 -21.31 23.80
C ILE A 239 14.75 -22.35 24.78
N PRO A 240 13.62 -23.00 24.42
CA PRO A 240 13.15 -24.03 25.34
C PRO A 240 14.13 -25.19 25.47
N ARG A 241 14.80 -25.55 24.38
CA ARG A 241 15.62 -26.76 24.34
C ARG A 241 17.06 -26.55 24.78
N ASN A 242 17.70 -25.48 24.32
CA ASN A 242 19.09 -25.23 24.65
C ASN A 242 19.30 -25.12 26.15
N PRO A 243 20.50 -25.45 26.63
CA PRO A 243 20.76 -25.18 28.04
C PRO A 243 20.71 -23.67 28.29
N ALA A 244 20.44 -23.28 29.53
CA ALA A 244 20.39 -21.86 29.88
C ALA A 244 21.64 -21.17 29.40
N PRO A 245 21.49 -20.02 28.74
CA PRO A 245 22.60 -19.20 28.26
C PRO A 245 23.57 -18.84 29.38
N ARG A 246 24.85 -18.78 29.07
CA ARG A 246 25.86 -18.37 30.04
C ARG A 246 26.67 -17.21 29.50
N LEU A 247 27.48 -16.61 30.37
CA LEU A 247 28.40 -15.58 29.90
C LEU A 247 29.50 -16.23 29.09
N LYS A 248 29.79 -15.68 27.92
CA LYS A 248 30.78 -16.27 27.02
C LYS A 248 32.17 -16.22 27.64
N SER A 249 32.62 -15.02 28.00
CA SER A 249 33.94 -14.86 28.61
C SER A 249 33.95 -15.38 30.04
N LYS A 250 35.15 -15.65 30.56
CA LYS A 250 35.28 -16.07 31.95
C LYS A 250 35.96 -14.97 32.77
N LYS A 251 36.21 -13.85 32.10
CA LYS A 251 36.73 -12.62 32.70
C LYS A 251 35.92 -12.15 33.91
N TRP A 252 34.60 -12.25 33.82
CA TRP A 252 33.70 -11.74 34.84
C TRP A 252 33.89 -12.45 36.16
N SER A 253 33.58 -11.75 37.25
CA SER A 253 33.72 -12.30 38.60
C SER A 253 32.81 -13.50 38.80
N LYS A 254 32.98 -14.18 39.92
CA LYS A 254 32.18 -15.37 40.18
C LYS A 254 30.78 -15.00 40.62
N LYS A 255 30.64 -13.89 41.32
CA LYS A 255 29.32 -13.47 41.78
C LYS A 255 28.43 -13.07 40.62
N PHE A 256 29.00 -12.41 39.62
CA PHE A 256 28.24 -12.03 38.44
C PHE A 256 27.80 -13.28 37.70
N GLN A 257 28.70 -14.24 37.54
CA GLN A 257 28.37 -15.48 36.87
C GLN A 257 27.30 -16.27 37.62
N SER A 258 27.39 -16.27 38.95
CA SER A 258 26.36 -16.90 39.76
C SER A 258 25.00 -16.24 39.53
N PHE A 259 24.98 -14.92 39.50
CA PHE A 259 23.74 -14.16 39.31
C PHE A 259 23.12 -14.43 37.94
N ILE A 260 23.96 -14.66 36.94
CA ILE A 260 23.45 -15.04 35.62
C ILE A 260 22.84 -16.44 35.72
N GLU A 261 23.55 -17.34 36.39
CA GLU A 261 23.04 -18.70 36.63
C GLU A 261 21.69 -18.67 37.37
N SER A 262 21.56 -17.75 38.33
CA SER A 262 20.36 -17.66 39.13
C SER A 262 19.17 -17.12 38.34
N CYS A 263 19.41 -16.10 37.53
CA CYS A 263 18.35 -15.50 36.72
C CYS A 263 17.83 -16.46 35.68
N LEU A 264 18.77 -17.19 35.10
CA LEU A 264 18.48 -18.02 33.95
C LEU A 264 18.35 -19.47 34.38
N VAL A 265 17.30 -19.74 35.14
CA VAL A 265 16.93 -21.10 35.44
C VAL A 265 15.77 -21.44 34.53
N LYS A 266 15.97 -22.43 33.67
CA LYS A 266 15.02 -22.74 32.62
C LYS A 266 13.67 -23.15 33.19
N ASN A 267 13.69 -24.12 34.11
CA ASN A 267 12.46 -24.48 34.80
C ASN A 267 12.07 -23.35 35.74
N HIS A 268 10.89 -22.78 35.54
CA HIS A 268 10.54 -21.55 36.25
C HIS A 268 10.18 -21.82 37.70
N SER A 269 9.70 -23.02 37.98
CA SER A 269 9.42 -23.42 39.35
C SER A 269 10.72 -23.43 40.16
N GLN A 270 11.82 -23.74 39.49
CA GLN A 270 13.11 -23.81 40.14
C GLN A 270 13.84 -22.49 40.12
N ARG A 271 13.27 -21.49 39.43
CA ARG A 271 13.89 -20.17 39.33
C ARG A 271 13.61 -19.36 40.60
N PRO A 272 14.62 -18.66 41.11
CA PRO A 272 14.45 -17.85 42.32
C PRO A 272 13.33 -16.84 42.14
N ALA A 273 12.69 -16.44 43.24
CA ALA A 273 11.69 -15.39 43.20
C ALA A 273 12.39 -14.04 43.25
N THR A 274 11.66 -12.97 42.96
CA THR A 274 12.23 -11.63 42.89
C THR A 274 13.04 -11.28 44.15
N GLU A 275 12.49 -11.62 45.30
CA GLU A 275 13.12 -11.32 46.58
C GLU A 275 14.44 -12.07 46.81
N GLN A 276 14.54 -13.28 46.27
CA GLN A 276 15.78 -14.06 46.38
C GLN A 276 16.93 -13.40 45.60
N LEU A 277 16.67 -13.04 44.35
CA LEU A 277 17.66 -12.34 43.54
C LEU A 277 18.10 -11.02 44.17
N MET A 278 17.16 -10.30 44.76
CA MET A 278 17.50 -9.08 45.50
C MET A 278 18.60 -9.36 46.54
N LYS A 279 18.54 -10.54 47.17
CA LYS A 279 19.50 -10.88 48.21
C LYS A 279 20.81 -11.45 47.65
N HIS A 280 20.86 -11.64 46.34
CA HIS A 280 22.05 -12.19 45.69
C HIS A 280 23.23 -11.25 45.89
N PRO A 281 24.39 -11.81 46.25
CA PRO A 281 25.58 -11.01 46.57
C PRO A 281 25.97 -10.02 45.46
N PHE A 282 25.76 -10.38 44.20
CA PHE A 282 26.07 -9.48 43.09
C PHE A 282 25.21 -8.21 43.16
N ILE A 283 24.06 -8.31 43.80
CA ILE A 283 23.15 -7.19 43.97
C ILE A 283 23.46 -6.39 45.23
N ARG A 284 23.70 -7.08 46.34
CA ARG A 284 23.94 -6.43 47.63
C ARG A 284 25.31 -5.74 47.68
N ASP A 285 26.35 -6.49 47.35
CA ASP A 285 27.71 -5.99 47.45
C ASP A 285 28.01 -4.90 46.44
N GLN A 286 27.52 -3.70 46.70
CA GLN A 286 27.76 -2.56 45.82
C GLN A 286 28.36 -1.39 46.58
N PRO A 287 29.61 -1.53 47.02
CA PRO A 287 30.28 -0.52 47.85
C PRO A 287 30.50 0.77 47.08
N ASN A 288 30.72 0.62 45.79
CA ASN A 288 30.97 1.76 44.92
C ASN A 288 29.66 2.32 44.34
N GLU A 289 28.57 2.16 45.07
CA GLU A 289 27.26 2.61 44.58
C GLU A 289 27.29 4.09 44.24
N ARG A 290 27.67 4.91 45.21
CA ARG A 290 27.79 6.33 45.00
C ARG A 290 28.75 6.64 43.85
N GLN A 291 29.84 5.88 43.79
CA GLN A 291 30.86 6.08 42.76
C GLN A 291 30.34 5.69 41.38
N VAL A 292 29.67 4.53 41.30
CA VAL A 292 29.15 4.02 40.04
C VAL A 292 28.18 5.02 39.40
N ARG A 293 27.36 5.64 40.24
CA ARG A 293 26.41 6.63 39.77
C ARG A 293 27.08 7.84 39.15
N ILE A 294 28.17 8.31 39.75
CA ILE A 294 28.91 9.46 39.23
C ILE A 294 29.54 9.16 37.87
N GLN A 295 30.15 7.97 37.75
CA GLN A 295 30.70 7.52 36.49
C GLN A 295 29.63 7.55 35.41
N LEU A 296 28.42 7.18 35.80
CA LEU A 296 27.30 7.13 34.87
C LEU A 296 26.87 8.53 34.46
N LYS A 297 26.74 9.42 35.44
CA LYS A 297 26.30 10.78 35.17
C LYS A 297 27.30 11.52 34.28
N ASP A 298 28.59 11.28 34.50
CA ASP A 298 29.64 11.91 33.69
C ASP A 298 29.58 11.42 32.25
N HIS A 299 29.38 10.11 32.10
CA HIS A 299 29.32 9.49 30.78
C HIS A 299 28.09 9.98 30.03
N ILE A 300 27.06 10.34 30.77
CA ILE A 300 25.83 10.87 30.19
C ILE A 300 26.03 12.30 29.71
N ASP A 301 26.66 13.13 30.54
CA ASP A 301 27.00 14.50 30.15
C ASP A 301 27.93 14.48 28.94
N ARG A 302 28.95 13.64 29.01
CA ARG A 302 29.94 13.49 27.95
C ARG A 302 29.29 13.35 26.58
N THR A 303 28.09 12.79 26.55
CA THR A 303 27.33 12.68 25.31
C THR A 303 26.60 13.99 24.99
N LYS A 304 27.15 14.74 24.05
CA LYS A 304 26.60 16.03 23.63
C LYS A 304 26.61 16.14 22.11
N ASP B 5 15.77 6.34 -6.94
CA ASP B 5 14.96 6.05 -8.10
C ASP B 5 14.50 7.35 -8.78
N GLU B 6 13.63 7.21 -9.78
CA GLU B 6 13.07 8.33 -10.52
C GLU B 6 12.01 9.09 -9.71
N ILE B 7 12.00 8.87 -8.40
CA ILE B 7 10.95 9.42 -7.54
C ILE B 7 11.45 10.45 -6.53
N ASP B 8 10.83 11.62 -6.55
CA ASP B 8 11.24 12.75 -5.73
C ASP B 8 10.19 13.03 -4.64
N LEU B 9 10.46 12.58 -3.41
CA LEU B 9 9.50 12.69 -2.32
C LEU B 9 9.18 14.13 -1.94
N SER B 10 10.12 15.03 -2.20
CA SER B 10 9.94 16.43 -1.84
C SER B 10 8.83 17.06 -2.68
N ALA B 11 8.72 16.61 -3.93
CA ALA B 11 7.75 17.14 -4.88
C ALA B 11 6.31 16.70 -4.59
N LEU B 12 6.14 15.76 -3.66
CA LEU B 12 4.82 15.27 -3.30
C LEU B 12 4.01 16.33 -2.59
N ARG B 13 2.80 16.56 -3.08
CA ARG B 13 1.94 17.61 -2.56
C ARG B 13 1.37 17.29 -1.19
N ASP B 14 0.95 18.33 -0.47
CA ASP B 14 0.21 18.14 0.76
C ASP B 14 -1.21 17.76 0.38
N PRO B 15 -1.79 16.78 1.08
CA PRO B 15 -3.13 16.29 0.73
C PRO B 15 -4.23 17.33 0.87
N ALA B 16 -3.95 18.43 1.56
CA ALA B 16 -4.97 19.40 1.92
C ALA B 16 -5.76 19.88 0.71
N GLY B 17 -7.07 19.63 0.75
CA GLY B 17 -7.97 20.11 -0.28
C GLY B 17 -8.18 19.14 -1.42
N ILE B 18 -7.31 18.14 -1.51
CA ILE B 18 -7.37 17.16 -2.59
C ILE B 18 -8.09 15.91 -2.13
N PHE B 19 -7.61 15.35 -1.01
CA PHE B 19 -8.17 14.14 -0.43
C PHE B 19 -8.41 14.34 1.06
N GLU B 20 -9.49 13.74 1.57
CA GLU B 20 -9.80 13.86 2.99
C GLU B 20 -10.20 12.50 3.59
N LEU B 21 -9.81 12.28 4.86
CA LEU B 21 -10.22 11.08 5.57
C LEU B 21 -11.68 11.16 5.95
N VAL B 22 -12.39 10.04 5.89
CA VAL B 22 -13.80 10.01 6.21
C VAL B 22 -14.07 9.04 7.36
N GLU B 23 -13.43 7.88 7.30
CA GLU B 23 -13.75 6.79 8.21
C GLU B 23 -12.61 5.79 8.29
N LEU B 24 -12.24 5.38 9.49
CA LEU B 24 -11.23 4.33 9.64
C LEU B 24 -11.79 3.01 9.15
N VAL B 25 -10.98 2.27 8.42
CA VAL B 25 -11.42 1.04 7.79
C VAL B 25 -10.67 -0.16 8.37
N GLY B 26 -9.39 0.03 8.69
CA GLY B 26 -8.62 -1.01 9.35
C GLY B 26 -7.15 -0.65 9.54
N ASN B 27 -6.35 -1.63 9.94
CA ASN B 27 -4.91 -1.46 10.08
C ASN B 27 -4.10 -2.29 9.08
N GLY B 28 -3.30 -1.62 8.27
CA GLY B 28 -2.53 -2.27 7.23
C GLY B 28 -1.08 -2.51 7.58
N THR B 29 -0.30 -2.94 6.60
CA THR B 29 1.13 -3.20 6.80
C THR B 29 1.87 -1.93 7.20
N TYR B 30 2.11 -1.79 8.51
CA TYR B 30 2.74 -0.60 9.09
C TYR B 30 1.95 0.67 8.72
N GLY B 31 0.81 0.88 9.36
CA GLY B 31 0.00 2.06 9.10
C GLY B 31 -1.49 1.78 9.05
N GLN B 32 -2.29 2.84 9.10
CA GLN B 32 -3.75 2.69 9.08
C GLN B 32 -4.32 2.96 7.69
N VAL B 33 -5.48 2.40 7.41
CA VAL B 33 -6.14 2.61 6.13
C VAL B 33 -7.55 3.15 6.31
N TYR B 34 -7.82 4.29 5.67
CA TYR B 34 -9.11 4.95 5.81
C TYR B 34 -9.93 4.86 4.55
N LYS B 35 -11.25 4.87 4.70
CA LYS B 35 -12.12 5.26 3.61
C LYS B 35 -11.92 6.76 3.45
N GLY B 36 -11.68 7.20 2.22
CA GLY B 36 -11.38 8.60 1.95
C GLY B 36 -12.21 9.17 0.83
N ARG B 37 -12.17 10.49 0.68
CA ARG B 37 -12.96 11.14 -0.34
C ARG B 37 -12.14 12.15 -1.14
N HIS B 38 -12.25 12.05 -2.46
CA HIS B 38 -11.70 13.06 -3.35
C HIS B 38 -12.57 14.29 -3.20
N VAL B 39 -11.98 15.41 -2.81
CA VAL B 39 -12.76 16.57 -2.42
C VAL B 39 -13.64 17.12 -3.56
N LYS B 40 -13.02 17.47 -4.67
CA LYS B 40 -13.74 18.11 -5.76
C LYS B 40 -14.78 17.19 -6.43
N THR B 41 -14.50 15.91 -6.51
CA THR B 41 -15.39 14.98 -7.21
C THR B 41 -16.30 14.19 -6.27
N GLY B 42 -15.96 14.19 -4.99
CA GLY B 42 -16.76 13.51 -3.99
C GLY B 42 -16.72 12.00 -4.15
N GLN B 43 -15.72 11.54 -4.88
CA GLN B 43 -15.60 10.12 -5.21
C GLN B 43 -14.69 9.41 -4.22
N LEU B 44 -15.09 8.20 -3.83
CA LEU B 44 -14.40 7.46 -2.79
C LEU B 44 -13.02 6.97 -3.23
N ALA B 45 -12.21 6.63 -2.23
CA ALA B 45 -10.86 6.13 -2.45
C ALA B 45 -10.37 5.57 -1.13
N ALA B 46 -9.37 4.69 -1.18
CA ALA B 46 -8.81 4.14 0.04
C ALA B 46 -7.44 4.74 0.32
N ILE B 47 -7.26 5.28 1.51
CA ILE B 47 -6.02 5.97 1.82
C ILE B 47 -5.26 5.29 2.96
N LYS B 48 -3.99 4.98 2.71
CA LYS B 48 -3.16 4.34 3.71
C LYS B 48 -2.16 5.35 4.26
N VAL B 49 -2.35 5.75 5.50
CA VAL B 49 -1.48 6.75 6.12
C VAL B 49 -0.36 6.07 6.89
N MET B 50 0.86 6.57 6.73
CA MET B 50 2.03 6.02 7.41
C MET B 50 2.90 7.13 7.96
N ASP B 51 3.25 7.05 9.23
CA ASP B 51 4.15 8.03 9.84
C ASP B 51 5.58 7.82 9.34
N VAL B 52 6.15 8.87 8.77
CA VAL B 52 7.40 8.77 8.02
C VAL B 52 8.54 9.59 8.60
N THR B 53 9.67 8.93 8.82
CA THR B 53 10.90 9.64 9.17
C THR B 53 11.80 9.68 7.95
N GLY B 54 12.79 10.57 7.96
CA GLY B 54 13.71 10.69 6.84
C GLY B 54 14.54 9.44 6.62
N ASP B 55 14.56 8.57 7.64
CA ASP B 55 15.37 7.35 7.60
C ASP B 55 14.94 6.37 6.51
N GLU B 56 13.65 6.36 6.21
CA GLU B 56 13.11 5.36 5.27
C GLU B 56 12.68 5.98 3.95
N GLU B 57 13.40 6.99 3.48
CA GLU B 57 13.08 7.63 2.22
C GLU B 57 13.26 6.67 1.03
N GLU B 58 14.18 5.72 1.18
CA GLU B 58 14.48 4.79 0.09
C GLU B 58 13.40 3.72 -0.06
N GLU B 59 12.87 3.24 1.07
CA GLU B 59 11.81 2.24 1.04
C GLU B 59 10.50 2.85 0.52
N ILE B 60 10.28 4.13 0.79
CA ILE B 60 9.08 4.82 0.35
C ILE B 60 9.08 5.00 -1.16
N LYS B 61 10.22 5.41 -1.70
CA LYS B 61 10.39 5.50 -3.15
C LYS B 61 10.15 4.14 -3.78
N GLN B 62 10.62 3.09 -3.12
CA GLN B 62 10.51 1.74 -3.64
C GLN B 62 9.07 1.22 -3.70
N GLU B 63 8.27 1.52 -2.69
CA GLU B 63 6.89 1.03 -2.71
C GLU B 63 6.05 1.82 -3.70
N ILE B 64 6.28 3.14 -3.78
CA ILE B 64 5.54 3.97 -4.72
C ILE B 64 5.88 3.55 -6.15
N ASN B 65 7.15 3.29 -6.41
CA ASN B 65 7.57 2.76 -7.70
C ASN B 65 6.82 1.49 -8.03
N MET B 66 6.82 0.55 -7.09
CA MET B 66 6.15 -0.73 -7.26
C MET B 66 4.67 -0.57 -7.56
N LEU B 67 3.99 0.27 -6.79
CA LEU B 67 2.57 0.49 -7.00
C LEU B 67 2.30 1.14 -8.37
N LYS B 68 3.21 1.99 -8.83
CA LYS B 68 3.04 2.64 -10.13
C LYS B 68 3.18 1.63 -11.26
N LYS B 69 4.14 0.73 -11.14
CA LYS B 69 4.45 -0.21 -12.22
C LYS B 69 3.46 -1.38 -12.32
N TYR B 70 3.01 -1.90 -11.19
CA TYR B 70 2.36 -3.21 -11.20
C TYR B 70 0.88 -3.26 -10.83
N SER B 71 0.31 -2.16 -10.36
CA SER B 71 -1.06 -2.20 -9.87
C SER B 71 -2.13 -1.94 -10.95
N HIS B 72 -1.73 -1.91 -12.21
CA HIS B 72 -2.68 -1.62 -13.27
C HIS B 72 -3.42 -2.87 -13.73
N HIS B 73 -3.05 -4.02 -13.20
CA HIS B 73 -3.74 -5.27 -13.49
C HIS B 73 -5.12 -5.29 -12.83
N ARG B 74 -6.09 -5.92 -13.49
CA ARG B 74 -7.49 -5.92 -13.05
C ARG B 74 -7.72 -6.58 -11.70
N ASN B 75 -6.78 -7.42 -11.25
CA ASN B 75 -6.90 -8.09 -9.95
C ASN B 75 -5.97 -7.50 -8.91
N ILE B 76 -5.49 -6.29 -9.18
CA ILE B 76 -4.68 -5.54 -8.23
C ILE B 76 -5.33 -4.18 -7.97
N ALA B 77 -5.53 -3.86 -6.69
CA ALA B 77 -6.10 -2.58 -6.30
C ALA B 77 -5.29 -1.42 -6.89
N THR B 78 -5.93 -0.62 -7.71
CA THR B 78 -5.24 0.39 -8.50
C THR B 78 -4.67 1.52 -7.61
N TYR B 79 -3.54 2.06 -8.05
CA TYR B 79 -2.83 3.12 -7.34
C TYR B 79 -3.21 4.47 -7.93
N TYR B 80 -3.76 5.36 -7.11
CA TYR B 80 -4.22 6.66 -7.60
C TYR B 80 -3.15 7.73 -7.49
N GLY B 81 -2.48 7.81 -6.35
CA GLY B 81 -1.41 8.77 -6.15
C GLY B 81 -0.85 8.75 -4.74
N ALA B 82 0.19 9.55 -4.52
CA ALA B 82 0.81 9.67 -3.21
C ALA B 82 0.85 11.12 -2.75
N PHE B 83 0.70 11.32 -1.43
CA PHE B 83 0.74 12.66 -0.84
C PHE B 83 1.49 12.66 0.48
N ILE B 84 2.09 13.80 0.82
CA ILE B 84 2.80 13.91 2.08
C ILE B 84 2.36 15.13 2.87
N LYS B 85 2.01 14.93 4.13
CA LYS B 85 1.72 16.01 5.05
C LYS B 85 2.96 16.29 5.89
N LYS B 86 3.63 17.40 5.60
CA LYS B 86 4.91 17.70 6.24
C LYS B 86 4.70 18.29 7.64
N ASN B 87 5.47 17.78 8.58
CA ASN B 87 5.40 18.20 9.97
C ASN B 87 6.68 18.93 10.35
N PRO B 88 6.64 19.75 11.43
CA PRO B 88 7.81 20.47 11.92
C PRO B 88 9.09 19.62 11.95
N PRO B 89 10.26 20.28 11.88
CA PRO B 89 11.53 19.55 11.91
C PRO B 89 11.66 18.70 13.18
N GLY B 90 12.21 17.49 13.04
CA GLY B 90 12.30 16.57 14.17
C GLY B 90 11.09 15.66 14.25
N MET B 91 9.95 16.16 13.80
CA MET B 91 8.72 15.38 13.76
C MET B 91 8.70 14.43 12.57
N ASP B 92 7.93 13.35 12.72
CA ASP B 92 7.67 12.44 11.62
C ASP B 92 6.58 13.01 10.71
N ASP B 93 6.82 12.95 9.41
CA ASP B 93 5.81 13.36 8.45
C ASP B 93 4.66 12.36 8.40
N GLN B 94 3.78 12.52 7.43
CA GLN B 94 2.70 11.56 7.20
C GLN B 94 2.54 11.30 5.71
N LEU B 95 2.74 10.06 5.29
CA LEU B 95 2.58 9.68 3.90
C LEU B 95 1.18 9.15 3.64
N TRP B 96 0.55 9.65 2.59
CA TRP B 96 -0.76 9.16 2.16
C TRP B 96 -0.66 8.39 0.86
N LEU B 97 -0.94 7.08 0.91
CA LEU B 97 -1.03 6.29 -0.32
C LEU B 97 -2.47 6.11 -0.69
N VAL B 98 -2.90 6.80 -1.75
CA VAL B 98 -4.28 6.75 -2.17
C VAL B 98 -4.48 5.69 -3.23
N MET B 99 -5.47 4.83 -3.02
CA MET B 99 -5.73 3.72 -3.94
C MET B 99 -7.22 3.41 -4.11
N GLU B 100 -7.51 2.52 -5.06
CA GLU B 100 -8.88 2.14 -5.39
C GLU B 100 -9.62 1.63 -4.16
N PHE B 101 -10.75 2.24 -3.84
CA PHE B 101 -11.55 1.79 -2.71
C PHE B 101 -12.47 0.64 -3.08
N CYS B 102 -12.16 -0.54 -2.56
CA CYS B 102 -12.98 -1.72 -2.81
C CYS B 102 -14.09 -1.78 -1.78
N GLY B 103 -15.30 -1.41 -2.18
CA GLY B 103 -16.38 -1.11 -1.26
C GLY B 103 -17.00 -2.25 -0.47
N ALA B 104 -16.75 -3.48 -0.89
CA ALA B 104 -17.36 -4.63 -0.24
C ALA B 104 -16.44 -5.24 0.81
N GLY B 105 -15.31 -4.57 1.06
CA GLY B 105 -14.38 -5.04 2.07
C GLY B 105 -13.62 -6.28 1.65
N SER B 106 -13.10 -7.01 2.62
CA SER B 106 -12.28 -8.17 2.33
C SER B 106 -13.12 -9.43 2.19
N VAL B 107 -12.44 -10.51 1.81
CA VAL B 107 -13.06 -11.82 1.74
C VAL B 107 -13.39 -12.29 3.15
N THR B 108 -12.52 -11.97 4.09
CA THR B 108 -12.75 -12.26 5.50
C THR B 108 -14.06 -11.63 5.97
N ASP B 109 -14.31 -10.40 5.56
CA ASP B 109 -15.57 -9.76 5.92
C ASP B 109 -16.75 -10.51 5.32
N LEU B 110 -16.58 -10.98 4.09
CA LEU B 110 -17.62 -11.74 3.40
C LEU B 110 -17.90 -13.05 4.11
N ILE B 111 -16.84 -13.69 4.59
CA ILE B 111 -16.97 -14.99 5.24
C ILE B 111 -17.79 -14.88 6.51
N LYS B 112 -17.48 -13.87 7.32
CA LYS B 112 -18.17 -13.68 8.59
C LYS B 112 -19.58 -13.14 8.41
N ASN B 113 -19.88 -12.62 7.23
CA ASN B 113 -21.24 -12.21 6.91
C ASN B 113 -22.04 -13.33 6.26
N THR B 114 -21.47 -14.54 6.25
CA THR B 114 -22.10 -15.66 5.58
C THR B 114 -22.39 -16.80 6.56
N LYS B 115 -23.65 -17.22 6.59
CA LYS B 115 -24.12 -18.19 7.58
C LYS B 115 -23.34 -19.49 7.49
N GLY B 116 -22.71 -19.85 8.60
CA GLY B 116 -21.90 -21.04 8.66
C GLY B 116 -20.43 -20.73 8.45
N ASN B 117 -20.16 -19.50 8.01
CA ASN B 117 -18.81 -19.05 7.70
C ASN B 117 -18.15 -19.91 6.65
N THR B 118 -18.93 -20.35 5.67
CA THR B 118 -18.43 -21.15 4.57
C THR B 118 -18.98 -20.62 3.27
N LEU B 119 -18.13 -20.59 2.24
CA LEU B 119 -18.56 -20.14 0.92
C LEU B 119 -18.79 -21.33 -0.02
N LYS B 120 -19.68 -21.15 -0.98
CA LYS B 120 -19.93 -22.16 -2.01
C LYS B 120 -18.67 -22.41 -2.81
N GLU B 121 -18.53 -23.63 -3.34
CA GLU B 121 -17.40 -23.94 -4.21
C GLU B 121 -17.35 -23.00 -5.43
N GLU B 122 -18.53 -22.72 -5.98
CA GLU B 122 -18.65 -21.78 -7.10
C GLU B 122 -17.90 -20.50 -6.77
N TRP B 123 -18.11 -20.02 -5.54
CA TRP B 123 -17.53 -18.77 -5.09
C TRP B 123 -16.03 -18.90 -4.80
N ILE B 124 -15.64 -20.02 -4.21
CA ILE B 124 -14.24 -20.20 -3.85
C ILE B 124 -13.35 -20.32 -5.09
N ALA B 125 -13.83 -21.03 -6.10
CA ALA B 125 -13.06 -21.20 -7.34
C ALA B 125 -12.95 -19.89 -8.08
N TYR B 126 -14.03 -19.13 -8.11
CA TYR B 126 -14.03 -17.82 -8.76
C TYR B 126 -12.98 -16.91 -8.14
N ILE B 127 -12.99 -16.84 -6.81
CA ILE B 127 -12.05 -16.01 -6.09
C ILE B 127 -10.62 -16.49 -6.31
N CYS B 128 -10.42 -17.79 -6.21
CA CYS B 128 -9.08 -18.36 -6.33
C CYS B 128 -8.47 -18.12 -7.71
N ARG B 129 -9.31 -18.12 -8.74
CA ARG B 129 -8.77 -17.83 -10.07
C ARG B 129 -8.29 -16.41 -10.11
N GLU B 130 -9.16 -15.49 -9.71
CA GLU B 130 -8.86 -14.07 -9.71
C GLU B 130 -7.62 -13.77 -8.88
N ILE B 131 -7.49 -14.44 -7.74
CA ILE B 131 -6.30 -14.27 -6.93
C ILE B 131 -5.09 -14.74 -7.72
N LEU B 132 -5.21 -15.93 -8.30
CA LEU B 132 -4.12 -16.53 -9.06
C LEU B 132 -3.67 -15.64 -10.21
N ARG B 133 -4.64 -15.03 -10.90
CA ARG B 133 -4.33 -14.10 -11.98
C ARG B 133 -3.47 -12.94 -11.50
N GLY B 134 -3.84 -12.35 -10.36
CA GLY B 134 -3.10 -11.26 -9.78
C GLY B 134 -1.71 -11.70 -9.36
N LEU B 135 -1.63 -12.92 -8.84
CA LEU B 135 -0.34 -13.47 -8.43
C LEU B 135 0.55 -13.74 -9.64
N SER B 136 -0.05 -14.25 -10.69
CA SER B 136 0.67 -14.51 -11.94
C SER B 136 1.23 -13.21 -12.49
N HIS B 137 0.41 -12.16 -12.48
CA HIS B 137 0.85 -10.84 -12.87
C HIS B 137 2.04 -10.38 -12.03
N LEU B 138 1.92 -10.49 -10.72
CA LEU B 138 3.01 -10.10 -9.83
C LEU B 138 4.25 -10.95 -10.05
N HIS B 139 4.07 -12.27 -10.14
CA HIS B 139 5.19 -13.20 -10.26
C HIS B 139 5.95 -13.05 -11.58
N GLN B 140 5.23 -12.68 -12.63
CA GLN B 140 5.85 -12.45 -13.93
C GLN B 140 6.89 -11.34 -13.87
N HIS B 141 6.61 -10.33 -13.05
CA HIS B 141 7.52 -9.21 -12.93
C HIS B 141 8.45 -9.34 -11.71
N LYS B 142 8.68 -10.57 -11.29
CA LYS B 142 9.60 -10.88 -10.19
C LYS B 142 9.15 -10.34 -8.83
N VAL B 143 7.86 -10.06 -8.68
CA VAL B 143 7.30 -9.60 -7.42
C VAL B 143 6.67 -10.72 -6.59
N ILE B 144 7.12 -10.87 -5.34
CA ILE B 144 6.51 -11.82 -4.42
C ILE B 144 5.52 -11.11 -3.51
N HIS B 145 4.30 -11.64 -3.42
CA HIS B 145 3.25 -10.96 -2.65
C HIS B 145 3.49 -10.99 -1.14
N ARG B 146 3.93 -12.16 -0.64
CA ARG B 146 4.41 -12.31 0.74
C ARG B 146 3.32 -12.31 1.81
N ASP B 147 2.07 -12.06 1.45
CA ASP B 147 1.02 -11.94 2.47
C ASP B 147 -0.38 -12.24 1.94
N ILE B 148 -0.51 -13.36 1.22
CA ILE B 148 -1.82 -13.80 0.77
C ILE B 148 -2.62 -14.34 1.96
N LYS B 149 -3.80 -13.76 2.17
CA LYS B 149 -4.74 -14.20 3.20
C LYS B 149 -6.08 -13.52 2.94
N GLY B 150 -7.14 -14.04 3.53
CA GLY B 150 -8.48 -13.51 3.28
C GLY B 150 -8.62 -12.02 3.53
N GLN B 151 -7.86 -11.53 4.51
CA GLN B 151 -7.91 -10.13 4.92
C GLN B 151 -7.34 -9.20 3.87
N ASN B 152 -6.43 -9.72 3.04
CA ASN B 152 -5.80 -8.92 2.00
C ASN B 152 -6.39 -9.14 0.61
N VAL B 153 -7.47 -9.90 0.54
CA VAL B 153 -8.17 -10.12 -0.73
C VAL B 153 -9.48 -9.36 -0.73
N LEU B 154 -9.53 -8.23 -1.41
CA LEU B 154 -10.71 -7.38 -1.33
C LEU B 154 -11.68 -7.58 -2.48
N LEU B 155 -12.93 -7.19 -2.23
CA LEU B 155 -13.98 -7.27 -3.22
C LEU B 155 -14.54 -5.89 -3.50
N THR B 156 -14.74 -5.58 -4.78
CA THR B 156 -15.44 -4.36 -5.14
C THR B 156 -16.93 -4.59 -4.95
N GLU B 157 -17.73 -3.59 -5.26
CA GLU B 157 -19.18 -3.71 -5.15
C GLU B 157 -19.76 -4.40 -6.40
N ASN B 158 -18.87 -4.91 -7.24
CA ASN B 158 -19.28 -5.70 -8.39
C ASN B 158 -18.75 -7.13 -8.29
N ALA B 159 -18.19 -7.46 -7.13
CA ALA B 159 -17.56 -8.76 -6.89
C ALA B 159 -16.34 -8.95 -7.78
N GLU B 160 -15.62 -7.86 -8.05
CA GLU B 160 -14.30 -7.95 -8.65
C GLU B 160 -13.30 -8.21 -7.54
N VAL B 161 -12.35 -9.12 -7.76
CA VAL B 161 -11.39 -9.49 -6.75
C VAL B 161 -10.06 -8.78 -6.93
N LYS B 162 -9.59 -8.08 -5.90
CA LYS B 162 -8.37 -7.29 -6.00
C LYS B 162 -7.41 -7.61 -4.87
N LEU B 163 -6.11 -7.60 -5.16
CA LEU B 163 -5.09 -7.85 -4.15
C LEU B 163 -4.52 -6.55 -3.58
N VAL B 164 -4.17 -6.57 -2.29
CA VAL B 164 -3.54 -5.41 -1.67
C VAL B 164 -2.36 -5.80 -0.80
N ASP B 165 -1.56 -4.81 -0.43
CA ASP B 165 -0.46 -4.97 0.52
C ASP B 165 0.56 -6.02 0.12
N PHE B 166 1.08 -5.93 -1.10
CA PHE B 166 2.09 -6.86 -1.59
C PHE B 166 3.49 -6.23 -1.62
N GLY B 167 4.52 -7.08 -1.63
CA GLY B 167 5.90 -6.63 -1.70
C GLY B 167 6.35 -5.81 -0.51
N VAL B 168 5.57 -5.83 0.57
CA VAL B 168 5.80 -4.99 1.74
C VAL B 168 5.30 -5.66 3.02
N ASN B 180 10.99 -7.09 11.20
CA ASN B 180 12.44 -7.16 11.29
C ASN B 180 12.91 -8.28 12.22
N THR B 181 12.72 -8.06 13.52
CA THR B 181 13.07 -9.06 14.53
C THR B 181 11.81 -9.66 15.13
N PHE B 182 10.65 -9.11 14.76
CA PHE B 182 9.38 -9.68 15.17
C PHE B 182 9.09 -10.96 14.39
N ILE B 183 7.97 -11.60 14.71
CA ILE B 183 7.48 -12.76 13.95
C ILE B 183 5.97 -12.60 13.80
N GLY B 184 5.48 -12.45 12.58
CA GLY B 184 4.06 -12.19 12.37
C GLY B 184 3.16 -13.35 12.77
N THR B 185 1.94 -13.37 12.22
CA THR B 185 1.06 -14.51 12.45
C THR B 185 1.54 -15.67 11.60
N PRO B 186 1.61 -16.87 12.19
CA PRO B 186 2.26 -18.00 11.52
C PRO B 186 1.32 -18.79 10.61
N TYR B 187 0.03 -18.56 10.73
CA TYR B 187 -0.97 -19.47 10.16
C TYR B 187 -0.84 -19.67 8.65
N TRP B 188 -0.63 -18.60 7.91
CA TRP B 188 -0.59 -18.72 6.45
C TRP B 188 0.82 -18.93 5.91
N MET B 189 1.80 -19.11 6.79
CA MET B 189 3.18 -19.31 6.35
C MET B 189 3.38 -20.70 5.75
N ALA B 190 4.30 -20.80 4.79
CA ALA B 190 4.65 -22.07 4.18
C ALA B 190 5.81 -22.69 4.94
N PRO B 191 5.94 -24.03 4.88
CA PRO B 191 7.01 -24.70 5.63
C PRO B 191 8.40 -24.12 5.36
N GLU B 192 8.66 -23.66 4.15
CA GLU B 192 9.98 -23.17 3.80
C GLU B 192 10.27 -21.79 4.40
N VAL B 193 9.21 -21.07 4.75
CA VAL B 193 9.36 -19.75 5.34
C VAL B 193 9.81 -19.84 6.80
N ILE B 194 9.30 -20.83 7.52
CA ILE B 194 9.63 -21.02 8.92
C ILE B 194 11.05 -21.55 9.12
N ALA B 195 11.98 -20.67 9.46
CA ALA B 195 13.32 -21.08 9.83
C ALA B 195 13.35 -21.87 11.13
N CYS B 196 14.19 -22.90 11.18
CA CYS B 196 14.42 -23.66 12.40
C CYS B 196 15.78 -24.34 12.26
N ASP B 197 15.98 -25.43 13.00
CA ASP B 197 17.25 -26.14 12.92
C ASP B 197 17.37 -26.90 11.59
N GLU B 198 16.30 -27.58 11.21
CA GLU B 198 16.27 -28.34 9.96
C GLU B 198 16.21 -27.41 8.74
N ASN B 199 15.94 -26.14 8.99
CA ASN B 199 15.82 -25.14 7.93
C ASN B 199 16.46 -23.82 8.34
N PRO B 200 17.80 -23.78 8.42
CA PRO B 200 18.51 -22.57 8.87
C PRO B 200 18.32 -21.42 7.89
N ASP B 201 18.36 -21.74 6.60
CA ASP B 201 18.14 -20.76 5.55
C ASP B 201 16.69 -20.79 5.10
N ALA B 202 15.93 -19.77 5.48
CA ALA B 202 14.52 -19.72 5.13
C ALA B 202 14.18 -18.40 4.47
N THR B 203 13.83 -18.46 3.19
CA THR B 203 13.40 -17.27 2.48
C THR B 203 12.07 -17.50 1.78
N TYR B 204 11.38 -16.41 1.44
CA TYR B 204 10.17 -16.49 0.65
C TYR B 204 10.49 -16.84 -0.81
N ASP B 205 9.66 -17.70 -1.38
CA ASP B 205 9.75 -18.02 -2.79
C ASP B 205 8.40 -17.68 -3.42
N PHE B 206 8.32 -17.63 -4.74
CA PHE B 206 7.06 -17.33 -5.40
C PHE B 206 6.01 -18.35 -5.01
N LYS B 207 6.46 -19.61 -4.91
CA LYS B 207 5.57 -20.70 -4.56
C LYS B 207 5.09 -20.61 -3.10
N SER B 208 5.72 -19.73 -2.32
CA SER B 208 5.28 -19.49 -0.96
C SER B 208 3.96 -18.72 -0.96
N ASP B 209 3.77 -17.88 -1.97
CA ASP B 209 2.48 -17.23 -2.14
C ASP B 209 1.41 -18.29 -2.39
N LEU B 210 1.80 -19.36 -3.07
CA LEU B 210 0.85 -20.38 -3.50
C LEU B 210 0.34 -21.20 -2.33
N TRP B 211 1.24 -21.56 -1.41
CA TRP B 211 0.86 -22.21 -0.16
C TRP B 211 -0.18 -21.39 0.58
N SER B 212 0.07 -20.09 0.72
CA SER B 212 -0.85 -19.19 1.41
C SER B 212 -2.21 -19.17 0.74
N LEU B 213 -2.22 -19.29 -0.58
CA LEU B 213 -3.48 -19.34 -1.33
C LEU B 213 -4.23 -20.61 -0.95
N GLY B 214 -3.49 -21.66 -0.63
CA GLY B 214 -4.09 -22.91 -0.19
C GLY B 214 -4.76 -22.72 1.15
N ILE B 215 -4.02 -22.19 2.11
CA ILE B 215 -4.55 -21.87 3.43
C ILE B 215 -5.74 -20.93 3.34
N THR B 216 -5.68 -19.99 2.40
CA THR B 216 -6.77 -19.04 2.20
C THR B 216 -8.03 -19.75 1.72
N ALA B 217 -7.85 -20.75 0.88
CA ALA B 217 -8.97 -21.50 0.33
C ALA B 217 -9.73 -22.24 1.43
N ILE B 218 -8.98 -22.96 2.27
CA ILE B 218 -9.53 -23.61 3.45
C ILE B 218 -10.28 -22.60 4.31
N GLU B 219 -9.60 -21.47 4.55
CA GLU B 219 -10.18 -20.35 5.28
C GLU B 219 -11.53 -19.92 4.70
N MET B 220 -11.69 -20.03 3.39
CA MET B 220 -12.95 -19.70 2.74
C MET B 220 -14.00 -20.79 2.96
N ALA B 221 -13.54 -22.02 3.14
CA ALA B 221 -14.43 -23.18 3.16
C ALA B 221 -14.82 -23.62 4.58
N GLU B 222 -13.96 -23.32 5.54
CA GLU B 222 -14.17 -23.77 6.92
C GLU B 222 -14.26 -22.59 7.90
N GLY B 223 -14.13 -21.38 7.39
CA GLY B 223 -14.28 -20.17 8.18
C GLY B 223 -13.02 -19.73 8.91
N ALA B 224 -11.96 -20.53 8.79
CA ALA B 224 -10.74 -20.28 9.54
C ALA B 224 -9.60 -21.14 9.01
N PRO B 225 -8.37 -20.62 9.11
CA PRO B 225 -7.22 -21.38 8.62
C PRO B 225 -6.95 -22.59 9.50
N PRO B 226 -6.23 -23.59 8.99
CA PRO B 226 -5.78 -24.71 9.82
C PRO B 226 -5.07 -24.24 11.08
N LEU B 227 -5.15 -25.01 12.15
CA LEU B 227 -4.48 -24.70 13.41
C LEU B 227 -4.96 -23.39 14.03
N CYS B 228 -6.16 -22.95 13.67
CA CYS B 228 -6.69 -21.66 14.13
C CYS B 228 -6.79 -21.57 15.64
N ASP B 229 -7.44 -22.56 16.24
CA ASP B 229 -7.65 -22.61 17.69
C ASP B 229 -6.36 -22.71 18.51
N MET B 230 -5.23 -22.92 17.83
CA MET B 230 -3.96 -23.15 18.51
C MET B 230 -3.13 -21.89 18.74
N HIS B 231 -2.34 -21.92 19.81
CA HIS B 231 -1.39 -20.87 20.14
C HIS B 231 -0.43 -20.65 18.97
N PRO B 232 -0.29 -19.40 18.54
CA PRO B 232 0.53 -19.00 17.38
C PRO B 232 1.92 -19.63 17.40
N MET B 233 2.62 -19.51 18.53
CA MET B 233 3.95 -20.09 18.65
C MET B 233 3.93 -21.59 18.42
N ARG B 234 2.85 -22.24 18.82
CA ARG B 234 2.80 -23.69 18.70
C ARG B 234 2.42 -24.11 17.29
N ALA B 235 1.54 -23.34 16.66
CA ALA B 235 1.18 -23.59 15.25
C ALA B 235 2.39 -23.41 14.34
N LEU B 236 3.11 -22.30 14.54
CA LEU B 236 4.40 -22.07 13.90
C LEU B 236 5.30 -23.29 14.00
N PHE B 237 5.29 -23.90 15.17
CA PHE B 237 6.09 -25.08 15.47
C PHE B 237 5.59 -26.31 14.68
N LEU B 238 4.29 -26.37 14.44
CA LEU B 238 3.65 -27.56 13.85
C LEU B 238 3.64 -27.60 12.33
N ILE B 239 3.43 -26.46 11.70
CA ILE B 239 3.32 -26.36 10.24
C ILE B 239 4.43 -27.14 9.50
N PRO B 240 5.70 -26.97 9.90
CA PRO B 240 6.69 -27.83 9.26
C PRO B 240 6.50 -29.34 9.54
N ARG B 241 6.17 -29.71 10.78
CA ARG B 241 6.20 -31.12 11.20
C ARG B 241 4.99 -31.92 10.71
N ASN B 242 3.80 -31.36 10.83
CA ASN B 242 2.57 -32.07 10.45
C ASN B 242 2.44 -32.25 8.94
N PRO B 243 1.66 -33.26 8.51
CA PRO B 243 1.33 -33.36 7.09
C PRO B 243 0.53 -32.14 6.64
N ALA B 244 0.48 -31.90 5.34
CA ALA B 244 -0.27 -30.78 4.79
C ALA B 244 -1.70 -30.83 5.28
N PRO B 245 -2.27 -29.66 5.60
CA PRO B 245 -3.70 -29.57 5.91
C PRO B 245 -4.54 -30.10 4.75
N ARG B 246 -5.73 -30.59 5.04
CA ARG B 246 -6.69 -30.85 3.99
C ARG B 246 -8.08 -30.63 4.54
N LEU B 247 -9.08 -30.55 3.67
CA LEU B 247 -10.44 -30.24 4.10
C LEU B 247 -10.97 -31.28 5.09
N LYS B 248 -11.77 -30.82 6.05
CA LYS B 248 -12.34 -31.71 7.06
C LYS B 248 -13.44 -32.57 6.46
N SER B 249 -14.44 -31.90 5.87
CA SER B 249 -15.60 -32.56 5.30
C SER B 249 -15.26 -33.41 4.09
N LYS B 250 -16.27 -34.09 3.54
CA LYS B 250 -16.12 -34.85 2.30
C LYS B 250 -17.16 -34.39 1.31
N LYS B 251 -17.95 -33.39 1.71
CA LYS B 251 -18.98 -32.79 0.85
C LYS B 251 -18.35 -32.05 -0.32
N TRP B 252 -17.07 -31.71 -0.17
CA TRP B 252 -16.36 -30.96 -1.19
C TRP B 252 -16.04 -31.85 -2.38
N SER B 253 -16.24 -31.31 -3.58
CA SER B 253 -15.95 -32.01 -4.82
C SER B 253 -14.52 -32.53 -4.85
N LYS B 254 -14.27 -33.55 -5.65
CA LYS B 254 -12.93 -34.12 -5.73
C LYS B 254 -11.99 -33.12 -6.39
N LYS B 255 -12.55 -32.30 -7.27
CA LYS B 255 -11.78 -31.22 -7.89
C LYS B 255 -11.15 -30.33 -6.83
N PHE B 256 -12.00 -29.77 -5.97
CA PHE B 256 -11.57 -28.90 -4.88
C PHE B 256 -10.49 -29.56 -4.01
N GLN B 257 -10.75 -30.78 -3.59
CA GLN B 257 -9.82 -31.50 -2.73
C GLN B 257 -8.44 -31.63 -3.36
N SER B 258 -8.42 -31.79 -4.68
CA SER B 258 -7.16 -31.90 -5.39
C SER B 258 -6.49 -30.54 -5.50
N PHE B 259 -7.29 -29.49 -5.57
CA PHE B 259 -6.75 -28.12 -5.60
C PHE B 259 -6.04 -27.78 -4.30
N ILE B 260 -6.68 -28.12 -3.18
CA ILE B 260 -6.07 -27.94 -1.86
C ILE B 260 -4.79 -28.77 -1.75
N GLU B 261 -4.84 -30.00 -2.27
CA GLU B 261 -3.68 -30.87 -2.24
C GLU B 261 -2.52 -30.26 -3.03
N SER B 262 -2.84 -29.68 -4.18
CA SER B 262 -1.83 -29.10 -5.07
C SER B 262 -1.17 -27.85 -4.48
N CYS B 263 -1.98 -26.95 -3.94
CA CYS B 263 -1.47 -25.74 -3.28
C CYS B 263 -0.58 -26.09 -2.10
N LEU B 264 -1.03 -27.03 -1.27
CA LEU B 264 -0.33 -27.36 -0.04
C LEU B 264 0.60 -28.56 -0.20
N VAL B 265 1.69 -28.36 -0.91
CA VAL B 265 2.76 -29.34 -0.97
C VAL B 265 3.88 -28.81 -0.11
N LYS B 266 4.25 -29.56 0.92
CA LYS B 266 5.20 -29.04 1.90
C LYS B 266 6.57 -28.75 1.28
N ASN B 267 7.12 -29.71 0.55
CA ASN B 267 8.39 -29.48 -0.12
C ASN B 267 8.17 -28.59 -1.33
N HIS B 268 8.67 -27.36 -1.29
CA HIS B 268 8.28 -26.36 -2.29
C HIS B 268 8.82 -26.66 -3.68
N SER B 269 9.87 -27.48 -3.77
CA SER B 269 10.37 -27.91 -5.07
C SER B 269 9.32 -28.78 -5.76
N GLN B 270 8.56 -29.51 -4.96
CA GLN B 270 7.51 -30.38 -5.48
C GLN B 270 6.17 -29.66 -5.61
N ARG B 271 6.09 -28.43 -5.09
CA ARG B 271 4.88 -27.62 -5.24
C ARG B 271 4.79 -27.06 -6.65
N PRO B 272 3.59 -27.08 -7.24
CA PRO B 272 3.38 -26.51 -8.58
C PRO B 272 3.73 -25.02 -8.63
N ALA B 273 4.16 -24.54 -9.80
CA ALA B 273 4.37 -23.11 -10.00
C ALA B 273 3.03 -22.46 -10.23
N THR B 274 2.98 -21.12 -10.16
CA THR B 274 1.72 -20.39 -10.29
C THR B 274 0.93 -20.80 -11.53
N GLU B 275 1.58 -20.75 -12.69
CA GLU B 275 0.94 -21.10 -13.96
C GLU B 275 0.37 -22.53 -13.98
N GLN B 276 1.07 -23.47 -13.35
CA GLN B 276 0.54 -24.83 -13.20
C GLN B 276 -0.83 -24.80 -12.53
N LEU B 277 -0.88 -24.14 -11.37
CA LEU B 277 -2.11 -24.04 -10.60
C LEU B 277 -3.23 -23.36 -11.37
N MET B 278 -2.85 -22.45 -12.26
CA MET B 278 -3.82 -21.71 -13.07
C MET B 278 -4.61 -22.65 -13.96
N LYS B 279 -4.00 -23.79 -14.31
CA LYS B 279 -4.58 -24.72 -15.26
C LYS B 279 -5.28 -25.89 -14.56
N HIS B 280 -5.25 -25.89 -13.23
CA HIS B 280 -5.92 -26.92 -12.45
C HIS B 280 -7.42 -26.91 -12.77
N PRO B 281 -8.04 -28.09 -12.87
CA PRO B 281 -9.47 -28.21 -13.18
C PRO B 281 -10.39 -27.43 -12.24
N PHE B 282 -10.04 -27.32 -10.97
CA PHE B 282 -10.86 -26.54 -10.03
C PHE B 282 -10.91 -25.08 -10.47
N ILE B 283 -9.86 -24.65 -11.17
CA ILE B 283 -9.73 -23.29 -11.64
C ILE B 283 -10.25 -23.11 -13.07
N ARG B 284 -9.83 -24.00 -13.96
CA ARG B 284 -10.15 -23.83 -15.39
C ARG B 284 -11.49 -24.46 -15.76
N ASP B 285 -11.80 -25.60 -15.17
CA ASP B 285 -13.09 -26.25 -15.44
C ASP B 285 -14.14 -25.67 -14.51
N GLN B 286 -14.03 -24.37 -14.28
CA GLN B 286 -15.02 -23.61 -13.53
C GLN B 286 -16.18 -23.35 -14.47
N PRO B 287 -17.41 -23.57 -13.99
CA PRO B 287 -18.59 -23.53 -14.86
C PRO B 287 -18.78 -22.21 -15.61
N ASN B 288 -18.94 -21.10 -14.88
CA ASN B 288 -19.31 -19.84 -15.52
C ASN B 288 -18.87 -18.62 -14.73
N GLU B 289 -17.79 -17.97 -15.17
CA GLU B 289 -17.19 -16.87 -14.42
C GLU B 289 -18.12 -15.68 -14.21
N ARG B 290 -18.71 -15.18 -15.30
CA ARG B 290 -19.54 -13.97 -15.24
C ARG B 290 -20.82 -14.18 -14.43
N GLN B 291 -21.26 -15.43 -14.31
CA GLN B 291 -22.53 -15.72 -13.66
C GLN B 291 -22.41 -15.98 -12.16
N VAL B 292 -21.32 -16.61 -11.74
CA VAL B 292 -21.08 -16.83 -10.31
C VAL B 292 -20.72 -15.50 -9.67
N ARG B 293 -20.00 -14.66 -10.42
CA ARG B 293 -19.64 -13.33 -10.00
C ARG B 293 -20.89 -12.52 -9.66
N ILE B 294 -21.85 -12.52 -10.57
CA ILE B 294 -23.11 -11.83 -10.36
C ILE B 294 -23.83 -12.40 -9.15
N GLN B 295 -23.87 -13.73 -9.05
CA GLN B 295 -24.49 -14.38 -7.90
C GLN B 295 -23.79 -13.97 -6.61
N LEU B 296 -22.51 -13.66 -6.72
CA LEU B 296 -21.71 -13.26 -5.57
C LEU B 296 -21.96 -11.80 -5.21
N LYS B 297 -22.14 -10.97 -6.23
CA LYS B 297 -22.50 -9.57 -6.02
C LYS B 297 -23.83 -9.48 -5.29
N ASP B 298 -24.64 -10.52 -5.46
CA ASP B 298 -25.96 -10.57 -4.83
C ASP B 298 -25.85 -10.89 -3.35
N HIS B 299 -25.07 -11.93 -3.02
CA HIS B 299 -24.92 -12.39 -1.64
C HIS B 299 -24.47 -11.29 -0.68
N ILE B 300 -23.78 -10.29 -1.21
CA ILE B 300 -23.30 -9.16 -0.42
C ILE B 300 -24.43 -8.44 0.27
N ASP B 301 -25.46 -8.09 -0.49
CA ASP B 301 -26.60 -7.33 0.02
C ASP B 301 -27.48 -8.21 0.91
N ILE C 7 15.16 1.95 -35.69
CA ILE C 7 15.45 1.22 -36.92
C ILE C 7 15.67 2.22 -38.07
N ASP C 8 16.31 1.76 -39.14
CA ASP C 8 16.78 2.59 -40.24
C ASP C 8 15.66 3.28 -41.02
N LEU C 9 15.86 4.55 -41.33
CA LEU C 9 14.91 5.35 -42.09
C LEU C 9 15.09 5.14 -43.60
N SER C 10 16.29 4.73 -44.00
CA SER C 10 16.60 4.52 -45.41
C SER C 10 16.51 3.04 -45.78
N ALA C 11 15.90 2.25 -44.91
CA ALA C 11 15.62 0.86 -45.23
C ALA C 11 14.15 0.72 -45.60
N LEU C 12 13.46 1.85 -45.64
CA LEU C 12 12.03 1.87 -45.94
C LEU C 12 11.79 1.83 -47.43
N ARG C 13 10.83 1.00 -47.84
CA ARG C 13 10.55 0.80 -49.25
C ARG C 13 9.74 1.95 -49.84
N ASP C 14 9.70 2.01 -51.17
CA ASP C 14 8.79 2.92 -51.86
C ASP C 14 7.40 2.31 -51.81
N PRO C 15 6.37 3.14 -51.63
CA PRO C 15 5.00 2.64 -51.52
C PRO C 15 4.45 2.02 -52.80
N ALA C 16 5.16 2.18 -53.91
CA ALA C 16 4.71 1.70 -55.22
C ALA C 16 4.43 0.21 -55.27
N GLY C 17 3.22 -0.14 -55.69
CA GLY C 17 2.83 -1.53 -55.80
C GLY C 17 2.30 -2.13 -54.51
N ILE C 18 2.54 -1.44 -53.40
CA ILE C 18 2.15 -1.94 -52.09
C ILE C 18 0.90 -1.25 -51.55
N PHE C 19 0.97 0.07 -51.46
CA PHE C 19 -0.18 0.89 -51.08
C PHE C 19 -0.43 1.96 -52.13
N GLU C 20 -1.69 2.31 -52.34
CA GLU C 20 -2.05 3.35 -53.28
C GLU C 20 -3.03 4.34 -52.67
N LEU C 21 -2.99 5.59 -53.09
CA LEU C 21 -3.92 6.59 -52.57
C LEU C 21 -5.25 6.51 -53.29
N VAL C 22 -6.34 6.61 -52.55
CA VAL C 22 -7.68 6.49 -53.14
C VAL C 22 -8.44 7.81 -53.10
N GLU C 23 -8.45 8.47 -51.95
CA GLU C 23 -9.09 9.77 -51.82
C GLU C 23 -8.70 10.50 -50.55
N LEU C 24 -8.57 11.82 -50.63
CA LEU C 24 -8.24 12.64 -49.47
C LEU C 24 -9.36 12.58 -48.44
N VAL C 25 -9.00 12.37 -47.17
CA VAL C 25 -9.98 12.18 -46.12
C VAL C 25 -10.02 13.38 -45.19
N GLY C 26 -8.85 13.93 -44.89
CA GLY C 26 -8.74 15.10 -44.04
C GLY C 26 -7.34 15.68 -44.07
N ASN C 27 -7.16 16.83 -43.43
CA ASN C 27 -5.86 17.46 -43.32
C ASN C 27 -5.46 17.61 -41.87
N GLY C 28 -4.81 16.58 -41.33
CA GLY C 28 -4.54 16.50 -39.91
C GLY C 28 -3.21 17.08 -39.44
N THR C 29 -2.50 16.29 -38.64
CA THR C 29 -1.27 16.75 -37.99
C THR C 29 -0.06 16.73 -38.92
N TYR C 30 0.36 17.92 -39.35
CA TYR C 30 1.54 18.10 -40.19
C TYR C 30 1.51 17.30 -41.50
N GLY C 31 0.48 17.52 -42.31
CA GLY C 31 0.36 16.85 -43.60
C GLY C 31 -1.04 16.30 -43.86
N GLN C 32 -1.27 15.82 -45.08
CA GLN C 32 -2.58 15.31 -45.48
C GLN C 32 -2.78 13.82 -45.14
N VAL C 33 -4.03 13.42 -45.00
CA VAL C 33 -4.37 12.04 -44.63
C VAL C 33 -5.35 11.40 -45.61
N TYR C 34 -4.97 10.25 -46.18
CA TYR C 34 -5.75 9.62 -47.23
C TYR C 34 -6.36 8.28 -46.83
N LYS C 35 -7.56 8.01 -47.36
CA LYS C 35 -8.07 6.66 -47.46
C LYS C 35 -7.29 5.95 -48.56
N GLY C 36 -6.60 4.88 -48.20
CA GLY C 36 -5.73 4.20 -49.13
C GLY C 36 -6.12 2.76 -49.33
N ARG C 37 -5.46 2.09 -50.27
CA ARG C 37 -5.78 0.70 -50.57
C ARG C 37 -4.52 -0.16 -50.61
N HIS C 38 -4.59 -1.32 -49.96
CA HIS C 38 -3.52 -2.29 -50.03
C HIS C 38 -3.64 -3.02 -51.37
N VAL C 39 -2.65 -2.83 -52.23
CA VAL C 39 -2.80 -3.15 -53.64
C VAL C 39 -3.22 -4.60 -53.89
N LYS C 40 -2.51 -5.54 -53.28
CA LYS C 40 -2.72 -6.96 -53.58
C LYS C 40 -3.91 -7.58 -52.86
N THR C 41 -4.34 -6.99 -51.75
CA THR C 41 -5.46 -7.53 -50.99
C THR C 41 -6.71 -6.66 -51.11
N GLY C 42 -6.50 -5.38 -51.41
CA GLY C 42 -7.60 -4.46 -51.63
C GLY C 42 -8.19 -3.90 -50.37
N GLN C 43 -7.58 -4.25 -49.22
CA GLN C 43 -8.09 -3.76 -47.95
C GLN C 43 -7.76 -2.29 -47.76
N LEU C 44 -8.69 -1.56 -47.16
CA LEU C 44 -8.49 -0.15 -46.90
C LEU C 44 -7.46 0.08 -45.80
N ALA C 45 -6.97 1.30 -45.74
CA ALA C 45 -6.00 1.73 -44.74
C ALA C 45 -5.96 3.24 -44.79
N ALA C 46 -5.71 3.87 -43.66
CA ALA C 46 -5.55 5.32 -43.62
C ALA C 46 -4.08 5.68 -43.78
N ILE C 47 -3.78 6.46 -44.81
CA ILE C 47 -2.41 6.84 -45.10
C ILE C 47 -2.17 8.31 -44.84
N LYS C 48 -1.17 8.60 -44.02
CA LYS C 48 -0.85 9.96 -43.63
C LYS C 48 0.46 10.37 -44.31
N VAL C 49 0.36 11.30 -45.26
CA VAL C 49 1.53 11.71 -46.02
C VAL C 49 2.15 12.99 -45.46
N MET C 50 3.46 12.98 -45.29
CA MET C 50 4.19 14.11 -44.71
C MET C 50 5.44 14.38 -45.52
N ASP C 51 5.88 15.62 -45.55
CA ASP C 51 7.11 15.96 -46.25
C ASP C 51 8.32 15.79 -45.34
N VAL C 52 9.39 15.25 -45.90
CA VAL C 52 10.58 14.92 -45.12
C VAL C 52 11.75 15.82 -45.46
N THR C 53 12.37 16.38 -44.42
CA THR C 53 13.66 17.04 -44.53
C THR C 53 14.64 16.29 -43.64
N GLY C 54 15.93 16.49 -43.88
CA GLY C 54 16.96 15.75 -43.16
C GLY C 54 16.99 15.91 -41.65
N ASP C 55 16.39 17.00 -41.16
CA ASP C 55 16.40 17.29 -39.72
C ASP C 55 15.22 16.64 -38.99
N GLU C 56 14.08 16.52 -39.66
CA GLU C 56 12.90 15.89 -39.08
C GLU C 56 13.10 14.38 -38.99
N GLU C 57 14.18 13.90 -39.60
CA GLU C 57 14.52 12.48 -39.63
C GLU C 57 14.53 11.82 -38.25
N GLU C 58 15.24 12.41 -37.30
CA GLU C 58 15.33 11.85 -35.96
C GLU C 58 14.04 12.07 -35.18
N GLU C 59 13.20 12.97 -35.68
CA GLU C 59 11.89 13.20 -35.11
C GLU C 59 10.91 12.19 -35.70
N ILE C 60 11.12 11.86 -36.96
CA ILE C 60 10.32 10.86 -37.65
C ILE C 60 10.52 9.50 -37.03
N LYS C 61 11.78 9.17 -36.73
CA LYS C 61 12.12 7.91 -36.10
C LYS C 61 11.36 7.71 -34.77
N GLN C 62 11.15 8.80 -34.05
CA GLN C 62 10.50 8.71 -32.75
C GLN C 62 9.00 8.47 -32.89
N GLU C 63 8.37 9.14 -33.85
CA GLU C 63 6.94 8.94 -34.05
C GLU C 63 6.67 7.50 -34.46
N ILE C 64 7.45 7.01 -35.41
CA ILE C 64 7.30 5.63 -35.89
C ILE C 64 7.58 4.65 -34.76
N ASN C 65 8.64 4.92 -34.00
CA ASN C 65 8.96 4.10 -32.83
C ASN C 65 7.81 4.07 -31.85
N MET C 66 7.17 5.22 -31.66
CA MET C 66 6.04 5.32 -30.77
C MET C 66 4.87 4.47 -31.26
N LEU C 67 4.57 4.57 -32.54
CA LEU C 67 3.42 3.88 -33.11
C LEU C 67 3.58 2.36 -33.11
N LYS C 68 4.81 1.88 -33.22
CA LYS C 68 5.01 0.43 -33.18
C LYS C 68 4.72 -0.06 -31.78
N LYS C 69 5.24 0.66 -30.79
CA LYS C 69 5.12 0.26 -29.39
C LYS C 69 3.69 0.31 -28.83
N TYR C 70 3.01 1.43 -29.01
CA TYR C 70 1.80 1.67 -28.23
C TYR C 70 0.49 1.74 -29.03
N SER C 71 0.47 1.23 -30.26
CA SER C 71 -0.76 1.25 -31.05
C SER C 71 -1.51 -0.08 -31.01
N HIS C 72 -0.83 -1.12 -30.54
CA HIS C 72 -1.49 -2.41 -30.35
C HIS C 72 -2.34 -2.33 -29.11
N HIS C 73 -3.60 -1.94 -29.30
CA HIS C 73 -4.58 -1.80 -28.23
C HIS C 73 -5.94 -1.58 -28.87
N ARG C 74 -6.97 -2.25 -28.35
CA ARG C 74 -8.26 -2.26 -29.04
C ARG C 74 -8.93 -0.89 -29.15
N ASN C 75 -8.25 0.16 -28.67
CA ASN C 75 -8.80 1.51 -28.70
C ASN C 75 -7.84 2.55 -29.29
N ILE C 76 -6.77 2.05 -29.90
CA ILE C 76 -5.83 2.90 -30.62
C ILE C 76 -5.85 2.46 -32.07
N ALA C 77 -5.72 3.41 -32.99
CA ALA C 77 -5.63 3.07 -34.40
C ALA C 77 -4.34 2.29 -34.67
N THR C 78 -4.48 1.11 -35.24
CA THR C 78 -3.35 0.20 -35.41
C THR C 78 -2.38 0.62 -36.53
N TYR C 79 -1.09 0.63 -36.19
CA TYR C 79 -0.01 0.92 -37.15
C TYR C 79 0.21 -0.26 -38.10
N TYR C 80 0.30 0.01 -39.40
CA TYR C 80 0.59 -1.04 -40.38
C TYR C 80 2.04 -0.98 -40.87
N GLY C 81 2.54 0.23 -41.11
CA GLY C 81 3.90 0.40 -41.59
C GLY C 81 4.23 1.80 -42.08
N ALA C 82 5.45 1.95 -42.59
CA ALA C 82 5.94 3.25 -43.04
C ALA C 82 6.76 3.11 -44.31
N PHE C 83 6.54 4.02 -45.25
CA PHE C 83 7.26 4.02 -46.53
C PHE C 83 7.76 5.41 -46.87
N ILE C 84 8.85 5.48 -47.62
CA ILE C 84 9.34 6.76 -48.11
C ILE C 84 9.28 6.81 -49.63
N LYS C 85 8.34 7.59 -50.14
CA LYS C 85 8.18 7.76 -51.58
C LYS C 85 9.31 8.62 -52.13
N LYS C 86 10.14 8.02 -52.98
CA LYS C 86 11.30 8.72 -53.51
C LYS C 86 10.94 9.67 -54.64
N ASN C 87 11.06 10.96 -54.33
CA ASN C 87 11.06 12.03 -55.32
C ASN C 87 12.51 12.39 -55.58
N PRO C 88 12.84 12.85 -56.80
CA PRO C 88 14.24 13.16 -57.16
C PRO C 88 14.88 14.15 -56.18
N PRO C 89 16.22 14.11 -56.04
CA PRO C 89 16.89 15.10 -55.19
C PRO C 89 16.58 16.50 -55.71
N GLY C 90 16.46 17.47 -54.80
CA GLY C 90 15.95 18.77 -55.15
C GLY C 90 14.52 18.92 -54.68
N MET C 91 13.68 17.96 -55.07
CA MET C 91 12.33 17.88 -54.53
C MET C 91 12.40 17.36 -53.10
N ASP C 92 11.25 17.16 -52.46
CA ASP C 92 11.20 16.61 -51.11
C ASP C 92 10.64 15.19 -51.14
N ASP C 93 11.22 14.31 -50.35
CA ASP C 93 10.70 12.95 -50.27
C ASP C 93 9.47 12.93 -49.38
N GLN C 94 8.49 12.10 -49.71
CA GLN C 94 7.28 11.98 -48.91
C GLN C 94 7.36 10.77 -47.99
N LEU C 95 6.86 10.92 -46.77
CA LEU C 95 6.73 9.79 -45.87
C LEU C 95 5.28 9.38 -45.80
N TRP C 96 5.02 8.08 -45.86
CA TRP C 96 3.67 7.56 -45.73
C TRP C 96 3.53 6.78 -44.43
N LEU C 97 2.67 7.24 -43.53
CA LEU C 97 2.34 6.49 -42.33
C LEU C 97 1.05 5.74 -42.55
N VAL C 98 1.15 4.44 -42.74
CA VAL C 98 -0.02 3.61 -43.02
C VAL C 98 -0.62 3.05 -41.74
N MET C 99 -1.92 3.28 -41.54
CA MET C 99 -2.59 2.81 -40.33
C MET C 99 -4.01 2.30 -40.57
N GLU C 100 -4.56 1.64 -39.56
CA GLU C 100 -5.92 1.11 -39.60
C GLU C 100 -6.93 2.17 -40.01
N PHE C 101 -7.76 1.85 -40.99
CA PHE C 101 -8.75 2.79 -41.49
C PHE C 101 -10.07 2.64 -40.75
N CYS C 102 -10.46 3.68 -40.02
CA CYS C 102 -11.71 3.66 -39.27
C CYS C 102 -12.82 4.26 -40.14
N GLY C 103 -13.56 3.37 -40.79
CA GLY C 103 -14.50 3.76 -41.84
C GLY C 103 -15.56 4.80 -41.52
N ALA C 104 -16.01 4.86 -40.27
CA ALA C 104 -17.14 5.73 -39.91
C ALA C 104 -16.72 7.18 -39.65
N GLY C 105 -15.41 7.42 -39.60
CA GLY C 105 -14.92 8.76 -39.40
C GLY C 105 -14.88 9.15 -37.94
N SER C 106 -14.73 10.45 -37.67
CA SER C 106 -14.60 10.93 -36.30
C SER C 106 -15.95 11.09 -35.63
N VAL C 107 -15.92 11.25 -34.31
CA VAL C 107 -17.11 11.55 -33.53
C VAL C 107 -17.76 12.84 -34.03
N THR C 108 -16.93 13.82 -34.37
CA THR C 108 -17.41 15.10 -34.89
C THR C 108 -18.33 14.89 -36.10
N ASP C 109 -17.92 14.00 -36.99
CA ASP C 109 -18.77 13.61 -38.12
C ASP C 109 -20.08 13.06 -37.60
N LEU C 110 -20.00 12.15 -36.63
CA LEU C 110 -21.17 11.53 -36.04
C LEU C 110 -22.09 12.57 -35.38
N ILE C 111 -21.50 13.57 -34.75
CA ILE C 111 -22.28 14.62 -34.08
C ILE C 111 -23.05 15.46 -35.08
N LYS C 112 -22.34 15.95 -36.10
CA LYS C 112 -22.96 16.78 -37.13
C LYS C 112 -24.02 16.00 -37.88
N ASN C 113 -23.73 14.73 -38.16
CA ASN C 113 -24.67 13.87 -38.87
C ASN C 113 -25.80 13.33 -37.99
N THR C 114 -25.76 13.62 -36.70
CA THR C 114 -26.81 13.18 -35.80
C THR C 114 -27.83 14.29 -35.58
N LYS C 115 -29.09 13.94 -35.81
CA LYS C 115 -30.20 14.88 -35.73
C LYS C 115 -30.24 15.61 -34.39
N GLY C 116 -29.98 16.92 -34.44
CA GLY C 116 -29.99 17.76 -33.26
C GLY C 116 -28.59 18.00 -32.73
N ASN C 117 -27.59 17.48 -33.43
CA ASN C 117 -26.19 17.61 -33.03
C ASN C 117 -25.96 17.23 -31.57
N THR C 118 -26.71 16.25 -31.08
CA THR C 118 -26.56 15.77 -29.71
C THR C 118 -26.60 14.26 -29.72
N LEU C 119 -25.77 13.63 -28.89
CA LEU C 119 -25.73 12.18 -28.80
C LEU C 119 -26.48 11.68 -27.57
N LYS C 120 -27.02 10.48 -27.65
CA LYS C 120 -27.68 9.84 -26.50
C LYS C 120 -26.67 9.65 -25.38
N GLU C 121 -27.13 9.77 -24.14
CA GLU C 121 -26.25 9.69 -22.99
C GLU C 121 -25.59 8.30 -22.87
N GLU C 122 -26.25 7.27 -23.39
CA GLU C 122 -25.69 5.93 -23.36
C GLU C 122 -24.48 5.83 -24.28
N TRP C 123 -24.56 6.53 -25.41
CA TRP C 123 -23.47 6.54 -26.38
C TRP C 123 -22.27 7.31 -25.86
N ILE C 124 -22.52 8.43 -25.19
CA ILE C 124 -21.45 9.26 -24.66
C ILE C 124 -20.68 8.47 -23.60
N ALA C 125 -21.41 7.72 -22.78
CA ALA C 125 -20.78 6.89 -21.76
C ALA C 125 -19.90 5.80 -22.39
N TYR C 126 -20.41 5.19 -23.46
CA TYR C 126 -19.66 4.16 -24.16
C TYR C 126 -18.38 4.72 -24.75
N ILE C 127 -18.50 5.81 -25.49
CA ILE C 127 -17.34 6.38 -26.15
C ILE C 127 -16.32 6.86 -25.13
N CYS C 128 -16.79 7.56 -24.10
CA CYS C 128 -15.89 8.05 -23.06
C CYS C 128 -15.13 6.91 -22.39
N ARG C 129 -15.84 5.82 -22.12
CA ARG C 129 -15.23 4.63 -21.54
C ARG C 129 -14.06 4.16 -22.41
N GLU C 130 -14.28 4.14 -23.72
CA GLU C 130 -13.27 3.64 -24.66
C GLU C 130 -12.09 4.60 -24.77
N ILE C 131 -12.38 5.91 -24.77
CA ILE C 131 -11.32 6.91 -24.81
C ILE C 131 -10.41 6.77 -23.59
N LEU C 132 -11.02 6.54 -22.43
CA LEU C 132 -10.28 6.39 -21.18
C LEU C 132 -9.38 5.16 -21.17
N ARG C 133 -9.89 4.03 -21.66
CA ARG C 133 -9.09 2.81 -21.75
C ARG C 133 -7.86 3.05 -22.60
N GLY C 134 -8.05 3.78 -23.70
CA GLY C 134 -6.95 4.12 -24.60
C GLY C 134 -6.00 5.10 -23.96
N LEU C 135 -6.55 6.04 -23.19
CA LEU C 135 -5.73 7.00 -22.49
C LEU C 135 -4.94 6.30 -21.38
N SER C 136 -5.62 5.42 -20.64
CA SER C 136 -4.97 4.62 -19.62
C SER C 136 -3.76 3.88 -20.17
N HIS C 137 -3.98 3.18 -21.29
CA HIS C 137 -2.91 2.51 -22.00
C HIS C 137 -1.76 3.44 -22.34
N LEU C 138 -2.08 4.61 -22.87
CA LEU C 138 -1.05 5.59 -23.21
C LEU C 138 -0.36 6.14 -21.97
N HIS C 139 -1.13 6.42 -20.93
CA HIS C 139 -0.59 7.06 -19.74
C HIS C 139 0.31 6.11 -18.96
N GLN C 140 -0.04 4.83 -18.98
CA GLN C 140 0.80 3.83 -18.35
C GLN C 140 2.19 3.81 -18.97
N HIS C 141 2.23 3.93 -20.29
CA HIS C 141 3.51 3.95 -21.00
C HIS C 141 4.11 5.36 -21.07
N LYS C 142 3.67 6.21 -20.14
CA LYS C 142 4.21 7.55 -20.00
C LYS C 142 4.05 8.34 -21.28
N VAL C 143 2.95 8.08 -21.98
CA VAL C 143 2.63 8.80 -23.20
C VAL C 143 1.41 9.69 -23.01
N ILE C 144 1.58 10.98 -23.31
CA ILE C 144 0.47 11.92 -23.25
C ILE C 144 -0.14 12.11 -24.63
N HIS C 145 -1.47 12.07 -24.71
CA HIS C 145 -2.14 12.21 -25.99
C HIS C 145 -2.00 13.63 -26.53
N ARG C 146 -2.22 14.61 -25.65
CA ARG C 146 -2.01 16.04 -25.92
C ARG C 146 -3.01 16.69 -26.87
N ASP C 147 -3.95 15.91 -27.38
CA ASP C 147 -4.97 16.51 -28.24
C ASP C 147 -6.23 15.67 -28.35
N ILE C 148 -6.86 15.41 -27.21
CA ILE C 148 -8.16 14.77 -27.23
C ILE C 148 -9.19 15.79 -27.69
N LYS C 149 -9.97 15.40 -28.69
CA LYS C 149 -11.11 16.19 -29.15
C LYS C 149 -11.94 15.26 -30.03
N GLY C 150 -13.15 15.69 -30.39
CA GLY C 150 -14.01 14.89 -31.23
C GLY C 150 -13.36 14.44 -32.54
N GLN C 151 -12.60 15.32 -33.17
CA GLN C 151 -11.98 15.01 -34.45
C GLN C 151 -10.94 13.88 -34.39
N ASN C 152 -10.33 13.70 -33.23
CA ASN C 152 -9.27 12.71 -33.07
C ASN C 152 -9.77 11.41 -32.43
N VAL C 153 -11.09 11.26 -32.36
CA VAL C 153 -11.69 10.03 -31.86
C VAL C 153 -12.52 9.38 -32.95
N LEU C 154 -11.97 8.32 -33.55
CA LEU C 154 -12.55 7.75 -34.75
C LEU C 154 -13.41 6.53 -34.44
N LEU C 155 -14.35 6.26 -35.33
CA LEU C 155 -15.22 5.11 -35.18
C LEU C 155 -15.03 4.13 -36.34
N THR C 156 -14.73 2.88 -36.01
CA THR C 156 -14.70 1.85 -37.03
C THR C 156 -16.14 1.57 -37.46
N GLU C 157 -16.29 0.72 -38.47
CA GLU C 157 -17.61 0.43 -39.01
C GLU C 157 -18.42 -0.47 -38.07
N ASN C 158 -17.73 -1.11 -37.12
CA ASN C 158 -18.38 -1.89 -36.08
C ASN C 158 -18.62 -1.06 -34.82
N ALA C 159 -18.55 0.27 -34.99
CA ALA C 159 -18.72 1.23 -33.90
C ALA C 159 -17.71 1.01 -32.77
N GLU C 160 -16.48 0.67 -33.14
CA GLU C 160 -15.40 0.59 -32.17
C GLU C 160 -14.68 1.92 -32.12
N VAL C 161 -14.32 2.37 -30.92
CA VAL C 161 -13.69 3.67 -30.75
C VAL C 161 -12.17 3.57 -30.81
N LYS C 162 -11.55 4.46 -31.58
CA LYS C 162 -10.11 4.45 -31.81
C LYS C 162 -9.51 5.84 -31.73
N LEU C 163 -8.44 5.97 -30.95
CA LEU C 163 -7.75 7.24 -30.79
C LEU C 163 -6.68 7.38 -31.87
N VAL C 164 -6.38 8.63 -32.24
CA VAL C 164 -5.38 8.93 -33.27
C VAL C 164 -4.62 10.22 -32.98
N ASP C 165 -3.43 10.33 -33.58
CA ASP C 165 -2.61 11.54 -33.49
C ASP C 165 -2.25 11.92 -32.07
N PHE C 166 -1.36 11.14 -31.45
CA PHE C 166 -0.96 11.37 -30.06
C PHE C 166 0.56 11.49 -29.95
N GLY C 167 1.04 12.16 -28.89
CA GLY C 167 2.46 12.34 -28.68
C GLY C 167 3.08 13.34 -29.65
N ASN C 180 5.49 25.08 -32.56
CA ASN C 180 6.68 25.58 -31.88
C ASN C 180 6.38 26.86 -31.10
N THR C 181 6.41 28.00 -31.80
CA THR C 181 5.98 29.26 -31.19
C THR C 181 4.57 29.59 -31.65
N PHE C 182 3.91 28.60 -32.26
CA PHE C 182 2.51 28.71 -32.62
C PHE C 182 1.64 28.53 -31.39
N ILE C 183 0.35 28.78 -31.56
CA ILE C 183 -0.65 28.49 -30.52
C ILE C 183 -1.86 27.86 -31.19
N GLY C 184 -2.08 26.57 -30.98
CA GLY C 184 -3.19 25.89 -31.61
C GLY C 184 -4.54 26.40 -31.11
N THR C 185 -5.61 25.68 -31.46
CA THR C 185 -6.93 26.07 -31.00
C THR C 185 -7.06 25.78 -29.50
N PRO C 186 -7.61 26.73 -28.75
CA PRO C 186 -7.56 26.65 -27.28
C PRO C 186 -8.73 25.90 -26.65
N TYR C 187 -9.76 25.59 -27.43
CA TYR C 187 -11.04 25.20 -26.86
C TYR C 187 -10.99 23.93 -26.02
N TRP C 188 -10.01 23.07 -26.26
CA TRP C 188 -9.88 21.84 -25.48
C TRP C 188 -8.70 21.87 -24.51
N MET C 189 -8.01 23.01 -24.44
CA MET C 189 -6.83 23.13 -23.60
C MET C 189 -7.19 23.27 -22.12
N ALA C 190 -6.49 22.51 -21.27
CA ALA C 190 -6.67 22.60 -19.83
C ALA C 190 -6.04 23.88 -19.28
N PRO C 191 -6.54 24.38 -18.14
CA PRO C 191 -6.01 25.65 -17.61
C PRO C 191 -4.51 25.64 -17.34
N GLU C 192 -3.93 24.48 -17.04
CA GLU C 192 -2.50 24.42 -16.72
C GLU C 192 -1.65 24.39 -17.98
N VAL C 193 -2.32 24.29 -19.13
CA VAL C 193 -1.65 24.28 -20.42
C VAL C 193 -1.50 25.72 -20.90
N ILE C 194 -2.40 26.57 -20.41
CA ILE C 194 -2.46 27.96 -20.82
C ILE C 194 -1.56 28.83 -19.95
N ALA C 195 -0.46 29.30 -20.55
CA ALA C 195 0.54 30.09 -19.83
C ALA C 195 0.07 31.52 -19.61
N CYS C 196 0.54 32.12 -18.52
CA CYS C 196 0.20 33.49 -18.18
C CYS C 196 1.11 33.94 -17.05
N ASP C 197 0.79 35.08 -16.45
CA ASP C 197 1.55 35.56 -15.30
C ASP C 197 1.45 34.56 -14.16
N GLU C 198 0.21 34.22 -13.80
CA GLU C 198 -0.05 33.29 -12.71
C GLU C 198 0.31 31.85 -13.05
N ASN C 199 0.85 31.63 -14.24
CA ASN C 199 1.32 30.31 -14.66
C ASN C 199 2.43 30.43 -15.70
N PRO C 200 3.63 30.85 -15.27
CA PRO C 200 4.77 31.03 -16.17
C PRO C 200 5.15 29.74 -16.86
N ASP C 201 5.20 28.66 -16.09
CA ASP C 201 5.61 27.37 -16.59
C ASP C 201 4.43 26.45 -16.86
N ALA C 202 3.77 26.68 -17.99
CA ALA C 202 2.66 25.83 -18.40
C ALA C 202 3.21 24.62 -19.16
N THR C 203 2.78 23.44 -18.74
CA THR C 203 3.19 22.21 -19.41
C THR C 203 2.02 21.23 -19.47
N TYR C 204 2.10 20.31 -20.42
CA TYR C 204 1.11 19.24 -20.52
C TYR C 204 1.37 18.17 -19.48
N ASP C 205 0.33 17.82 -18.75
CA ASP C 205 0.41 16.73 -17.78
C ASP C 205 -0.46 15.60 -18.29
N PHE C 206 -0.39 14.44 -17.67
CA PHE C 206 -1.26 13.33 -18.07
C PHE C 206 -2.71 13.72 -17.78
N LYS C 207 -2.91 14.47 -16.69
CA LYS C 207 -4.24 14.92 -16.29
C LYS C 207 -4.84 15.90 -17.30
N SER C 208 -4.00 16.50 -18.13
CA SER C 208 -4.44 17.44 -19.15
C SER C 208 -5.36 16.75 -20.14
N ASP C 209 -4.98 15.55 -20.56
CA ASP C 209 -5.81 14.75 -21.45
C ASP C 209 -7.23 14.58 -20.91
N LEU C 210 -7.37 14.53 -19.60
CA LEU C 210 -8.65 14.24 -18.97
C LEU C 210 -9.60 15.43 -19.04
N TRP C 211 -9.05 16.63 -18.86
CA TRP C 211 -9.80 17.86 -19.09
C TRP C 211 -10.39 17.89 -20.49
N SER C 212 -9.52 17.65 -21.48
CA SER C 212 -9.91 17.63 -22.88
C SER C 212 -11.06 16.65 -23.12
N LEU C 213 -10.99 15.50 -22.45
CA LEU C 213 -12.04 14.49 -22.55
C LEU C 213 -13.35 15.05 -22.00
N GLY C 214 -13.24 15.87 -20.96
CA GLY C 214 -14.40 16.54 -20.40
C GLY C 214 -15.06 17.39 -21.44
N ILE C 215 -14.26 18.24 -22.09
CA ILE C 215 -14.74 19.11 -23.14
C ILE C 215 -15.29 18.31 -24.32
N THR C 216 -14.64 17.20 -24.64
CA THR C 216 -15.07 16.35 -25.74
C THR C 216 -16.42 15.70 -25.43
N ALA C 217 -16.68 15.47 -24.15
CA ALA C 217 -17.95 14.88 -23.74
C ALA C 217 -19.06 15.91 -23.87
N ILE C 218 -18.78 17.14 -23.44
CA ILE C 218 -19.70 18.26 -23.63
C ILE C 218 -19.97 18.45 -25.12
N GLU C 219 -18.92 18.30 -25.91
CA GLU C 219 -19.00 18.37 -27.36
C GLU C 219 -20.02 17.36 -27.88
N MET C 220 -19.95 16.14 -27.36
CA MET C 220 -20.84 15.08 -27.80
C MET C 220 -22.29 15.37 -27.43
N ALA C 221 -22.49 16.11 -26.34
CA ALA C 221 -23.82 16.37 -25.81
C ALA C 221 -24.43 17.69 -26.32
N GLU C 222 -23.62 18.60 -26.81
CA GLU C 222 -24.10 19.92 -27.24
C GLU C 222 -23.75 20.28 -28.68
N GLY C 223 -22.92 19.46 -29.31
CA GLY C 223 -22.55 19.69 -30.70
C GLY C 223 -21.34 20.59 -30.86
N ALA C 224 -20.90 21.17 -29.75
CA ALA C 224 -19.80 22.12 -29.80
C ALA C 224 -19.20 22.34 -28.41
N PRO C 225 -17.89 22.62 -28.36
CA PRO C 225 -17.22 22.85 -27.08
C PRO C 225 -17.69 24.13 -26.41
N PRO C 226 -17.47 24.27 -25.09
CA PRO C 226 -17.75 25.54 -24.43
C PRO C 226 -16.97 26.67 -25.09
N LEU C 227 -17.51 27.87 -25.09
CA LEU C 227 -16.90 29.03 -25.73
C LEU C 227 -16.67 28.84 -27.23
N CYS C 228 -17.46 27.98 -27.87
CA CYS C 228 -17.33 27.77 -29.30
C CYS C 228 -17.60 29.06 -30.06
N ASP C 229 -18.67 29.75 -29.70
CA ASP C 229 -19.03 31.02 -30.32
C ASP C 229 -18.20 32.18 -29.77
N MET C 230 -16.88 32.08 -29.88
CA MET C 230 -15.99 33.15 -29.44
C MET C 230 -14.64 33.15 -30.14
N HIS C 231 -14.01 34.32 -30.20
CA HIS C 231 -12.69 34.44 -30.82
C HIS C 231 -11.69 33.63 -30.00
N PRO C 232 -10.87 32.82 -30.69
CA PRO C 232 -9.88 31.92 -30.11
C PRO C 232 -9.01 32.55 -29.03
N MET C 233 -8.51 33.74 -29.27
CA MET C 233 -7.64 34.41 -28.31
C MET C 233 -8.41 34.83 -27.07
N ARG C 234 -9.68 35.17 -27.26
CA ARG C 234 -10.54 35.55 -26.15
C ARG C 234 -10.87 34.32 -25.33
N ALA C 235 -11.14 33.20 -26.01
CA ALA C 235 -11.41 31.94 -25.34
C ALA C 235 -10.19 31.47 -24.55
N LEU C 236 -9.02 31.53 -25.18
CA LEU C 236 -7.76 31.21 -24.51
C LEU C 236 -7.64 32.02 -23.23
N PHE C 237 -7.97 33.30 -23.34
CA PHE C 237 -7.93 34.22 -22.22
C PHE C 237 -8.91 33.80 -21.11
N LEU C 238 -10.09 33.35 -21.49
CA LEU C 238 -11.18 33.08 -20.55
C LEU C 238 -11.09 31.77 -19.78
N ILE C 239 -10.65 30.71 -20.46
CA ILE C 239 -10.62 29.36 -19.88
C ILE C 239 -9.97 29.30 -18.49
N PRO C 240 -8.78 29.91 -18.31
CA PRO C 240 -8.19 29.81 -16.97
C PRO C 240 -8.99 30.53 -15.89
N ARG C 241 -9.79 31.51 -16.27
CA ARG C 241 -10.44 32.39 -15.30
C ARG C 241 -11.90 32.05 -14.99
N ASN C 242 -12.66 31.64 -15.99
CA ASN C 242 -14.05 31.23 -15.78
C ASN C 242 -14.16 30.02 -14.87
N PRO C 243 -15.32 29.83 -14.23
CA PRO C 243 -15.58 28.57 -13.55
C PRO C 243 -15.65 27.42 -14.56
N ALA C 244 -15.30 26.21 -14.12
CA ALA C 244 -15.35 25.05 -14.98
C ALA C 244 -16.73 24.89 -15.61
N PRO C 245 -16.76 24.65 -16.93
CA PRO C 245 -18.00 24.49 -17.70
C PRO C 245 -18.85 23.36 -17.17
N ARG C 246 -20.16 23.57 -17.18
CA ARG C 246 -21.12 22.50 -16.89
C ARG C 246 -22.02 22.32 -18.09
N LEU C 247 -22.88 21.30 -18.04
CA LEU C 247 -23.86 21.10 -19.09
C LEU C 247 -24.88 22.24 -19.08
N LYS C 248 -25.18 22.77 -20.27
CA LYS C 248 -26.15 23.85 -20.40
C LYS C 248 -27.57 23.40 -20.11
N SER C 249 -27.78 22.08 -20.01
CA SER C 249 -29.09 21.53 -19.74
C SER C 249 -29.17 20.89 -18.35
N LYS C 250 -30.37 20.48 -17.99
CA LYS C 250 -30.62 19.83 -16.70
C LYS C 250 -31.18 18.43 -16.96
N LYS C 251 -31.46 18.15 -18.23
CA LYS C 251 -32.04 16.86 -18.65
C LYS C 251 -31.14 15.67 -18.36
N TRP C 252 -29.83 15.89 -18.44
CA TRP C 252 -28.86 14.81 -18.28
C TRP C 252 -28.81 14.32 -16.84
N SER C 253 -28.55 13.03 -16.66
CA SER C 253 -28.53 12.41 -15.34
C SER C 253 -27.48 13.05 -14.42
N LYS C 254 -27.56 12.73 -13.14
CA LYS C 254 -26.57 13.20 -12.18
C LYS C 254 -25.21 12.57 -12.44
N LYS C 255 -25.22 11.32 -12.91
CA LYS C 255 -23.99 10.61 -13.25
C LYS C 255 -23.14 11.39 -14.25
N PHE C 256 -23.76 11.76 -15.37
CA PHE C 256 -23.10 12.54 -16.42
C PHE C 256 -22.63 13.89 -15.88
N GLN C 257 -23.52 14.59 -15.18
CA GLN C 257 -23.18 15.90 -14.61
C GLN C 257 -22.02 15.79 -13.63
N SER C 258 -22.06 14.77 -12.78
CA SER C 258 -20.96 14.48 -11.88
C SER C 258 -19.69 14.20 -12.67
N PHE C 259 -19.85 13.52 -13.80
CA PHE C 259 -18.72 13.13 -14.63
C PHE C 259 -18.07 14.35 -15.27
N ILE C 260 -18.89 15.21 -15.86
CA ILE C 260 -18.36 16.44 -16.44
C ILE C 260 -17.70 17.28 -15.35
N GLU C 261 -18.31 17.32 -14.17
CA GLU C 261 -17.72 18.00 -13.02
C GLU C 261 -16.38 17.37 -12.68
N SER C 262 -16.31 16.04 -12.77
CA SER C 262 -15.11 15.31 -12.40
C SER C 262 -13.96 15.52 -13.38
N CYS C 263 -14.25 15.49 -14.68
CA CYS C 263 -13.23 15.77 -15.68
C CYS C 263 -12.76 17.21 -15.60
N LEU C 264 -13.72 18.12 -15.55
CA LEU C 264 -13.44 19.54 -15.59
C LEU C 264 -13.25 20.11 -14.19
N VAL C 265 -12.10 19.81 -13.62
CA VAL C 265 -11.63 20.42 -12.39
C VAL C 265 -10.46 21.29 -12.76
N LYS C 266 -10.60 22.60 -12.60
CA LYS C 266 -9.62 23.56 -13.08
C LYS C 266 -8.22 23.34 -12.51
N ASN C 267 -8.13 23.14 -11.19
CA ASN C 267 -6.85 22.84 -10.56
C ASN C 267 -6.47 21.38 -10.79
N HIS C 268 -5.40 21.14 -11.53
CA HIS C 268 -5.09 19.78 -11.98
C HIS C 268 -4.61 18.90 -10.82
N SER C 269 -4.11 19.52 -9.76
CA SER C 269 -3.76 18.77 -8.56
C SER C 269 -5.02 18.21 -7.90
N GLN C 270 -6.16 18.85 -8.18
CA GLN C 270 -7.44 18.40 -7.63
C GLN C 270 -8.24 17.58 -8.66
N ARG C 271 -7.82 17.64 -9.92
CA ARG C 271 -8.41 16.78 -10.94
C ARG C 271 -7.97 15.34 -10.70
N PRO C 272 -8.91 14.38 -10.81
CA PRO C 272 -8.58 12.98 -10.57
C PRO C 272 -7.65 12.41 -11.63
N ALA C 273 -6.82 11.45 -11.25
CA ALA C 273 -5.96 10.76 -12.21
C ALA C 273 -6.81 9.88 -13.12
N THR C 274 -6.19 9.35 -14.16
CA THR C 274 -6.87 8.57 -15.18
C THR C 274 -7.64 7.38 -14.63
N GLU C 275 -6.96 6.56 -13.84
CA GLU C 275 -7.56 5.33 -13.31
C GLU C 275 -8.70 5.62 -12.35
N GLN C 276 -8.58 6.71 -11.61
CA GLN C 276 -9.62 7.13 -10.68
C GLN C 276 -10.89 7.50 -11.43
N LEU C 277 -10.73 8.04 -12.62
CA LEU C 277 -11.85 8.48 -13.43
C LEU C 277 -12.55 7.32 -14.15
N MET C 278 -11.84 6.22 -14.38
CA MET C 278 -12.45 5.05 -15.00
C MET C 278 -13.48 4.41 -14.09
N LYS C 279 -13.24 4.49 -12.79
CA LYS C 279 -14.13 3.89 -11.80
C LYS C 279 -15.27 4.84 -11.43
N HIS C 280 -15.52 5.82 -12.29
CA HIS C 280 -16.62 6.77 -12.09
C HIS C 280 -17.91 6.13 -12.59
N PRO C 281 -19.01 6.29 -11.82
CA PRO C 281 -20.33 5.74 -12.12
C PRO C 281 -20.76 5.88 -13.58
N PHE C 282 -20.59 7.07 -14.15
CA PHE C 282 -20.98 7.30 -15.54
C PHE C 282 -20.28 6.35 -16.51
N ILE C 283 -19.06 5.94 -16.15
CA ILE C 283 -18.29 5.04 -16.99
C ILE C 283 -18.59 3.58 -16.68
N ARG C 284 -18.65 3.26 -15.39
CA ARG C 284 -18.76 1.87 -14.92
C ARG C 284 -20.17 1.31 -15.08
N ASP C 285 -21.18 2.16 -14.94
CA ASP C 285 -22.57 1.71 -15.01
C ASP C 285 -23.16 1.84 -16.42
N GLN C 286 -22.92 0.83 -17.24
CA GLN C 286 -23.47 0.80 -18.60
C GLN C 286 -24.13 -0.56 -18.88
N PRO C 287 -25.30 -0.79 -18.26
CA PRO C 287 -25.98 -2.09 -18.20
C PRO C 287 -26.04 -2.85 -19.52
N ASN C 288 -26.20 -2.13 -20.63
CA ASN C 288 -26.36 -2.77 -21.93
C ASN C 288 -25.17 -2.53 -22.84
N GLU C 289 -23.97 -2.88 -22.36
CA GLU C 289 -22.72 -2.48 -23.02
C GLU C 289 -22.63 -2.78 -24.51
N ARG C 290 -22.60 -4.07 -24.87
CA ARG C 290 -22.49 -4.45 -26.27
C ARG C 290 -23.74 -4.03 -27.05
N GLN C 291 -24.86 -3.96 -26.36
CA GLN C 291 -26.10 -3.48 -26.95
C GLN C 291 -25.96 -2.03 -27.43
N VAL C 292 -25.23 -1.23 -26.65
CA VAL C 292 -24.97 0.16 -26.99
C VAL C 292 -24.03 0.24 -28.19
N ARG C 293 -23.01 -0.61 -28.21
CA ARG C 293 -22.06 -0.65 -29.32
C ARG C 293 -22.77 -0.96 -30.63
N ILE C 294 -23.86 -1.72 -30.54
CA ILE C 294 -24.63 -2.08 -31.72
C ILE C 294 -25.71 -1.03 -31.99
N GLN C 295 -26.30 -0.48 -30.93
CA GLN C 295 -27.28 0.60 -31.07
C GLN C 295 -26.65 1.81 -31.74
N LEU C 296 -25.35 1.99 -31.53
CA LEU C 296 -24.60 3.08 -32.16
C LEU C 296 -24.18 2.68 -33.57
N LYS C 297 -23.91 1.39 -33.73
CA LYS C 297 -23.51 0.83 -35.03
C LYS C 297 -24.56 1.10 -36.09
N ASP C 298 -25.83 1.02 -35.71
CA ASP C 298 -26.93 1.28 -36.62
C ASP C 298 -27.04 2.77 -36.97
N HIS C 299 -26.91 3.62 -35.95
CA HIS C 299 -26.99 5.06 -36.15
C HIS C 299 -25.95 5.53 -37.15
N ILE C 300 -24.81 4.85 -37.19
CA ILE C 300 -23.80 5.08 -38.22
C ILE C 300 -24.38 4.77 -39.60
N ASP C 301 -24.95 3.59 -39.71
CA ASP C 301 -25.49 3.10 -40.98
C ASP C 301 -26.81 3.78 -41.33
N ARG C 302 -27.51 4.26 -40.29
CA ARG C 302 -28.75 5.02 -40.47
C ARG C 302 -28.48 6.38 -41.13
N THR C 303 -27.22 6.82 -41.06
CA THR C 303 -26.83 8.11 -41.64
C THR C 303 -25.54 8.05 -42.46
N LYS C 304 -25.63 7.57 -43.70
CA LYS C 304 -24.50 7.56 -44.62
C LYS C 304 -24.96 7.71 -46.07
C1 58C D . 9.32 7.17 28.65
C2 58C D . 9.88 6.72 27.42
C3 58C D . 10.07 8.19 29.31
C4 58C D . 11.70 8.29 27.67
C5 58C D . 7.53 5.59 28.54
C6 58C D . 8.00 5.13 27.27
C7 58C D . 8.12 6.62 29.16
C20 58C D . 14.70 6.90 24.61
C21 58C D . 15.87 5.84 23.00
N2 58C D . 11.18 8.75 28.90
O1 58C D . 9.39 5.48 25.30
N1 58C D . 11.06 7.30 26.95
C8 58C D . 9.15 5.65 26.67
C9 58C D . 10.14 3.05 25.63
C10 58C D . 9.54 4.14 24.71
C11 58C D . 11.67 3.11 25.78
C12 58C D . 12.43 3.15 24.44
C13 58C D . 11.86 4.31 23.63
C14 58C D . 10.36 4.17 23.40
C15 58C D . 14.83 9.35 25.65
N3 58C D . 12.90 8.89 27.25
C16 58C D . 13.82 8.47 26.19
C17 58C D . 15.71 8.99 24.64
C18 58C D . 15.71 7.71 24.03
C19 58C D . 13.79 7.21 25.61
N4 58C D . 16.44 7.02 23.02
N5 58C D . 14.84 5.65 23.90
O2 58C D . 13.79 3.34 24.66
S SO4 E . -6.48 19.78 35.52
O1 SO4 E . -7.83 19.50 35.04
O2 SO4 E . -6.04 18.74 36.45
O3 SO4 E . -5.59 19.80 34.36
O4 SO4 E . -6.46 21.07 36.19
C1 58C F . -7.00 -0.86 -0.02
C2 58C F . -7.38 -1.37 1.25
C3 58C F . -8.07 -0.47 -0.87
C4 58C F . -9.70 -1.06 0.68
C5 58C F . -4.66 -1.13 0.46
C6 58C F . -5.00 -1.65 1.75
C7 58C F . -5.62 -0.75 -0.41
C20 58C F . -11.88 -3.01 4.17
C21 58C F . -12.50 -4.06 6.08
N2 58C F . -9.37 -0.55 -0.58
O1 58C F . -6.60 -1.86 3.53
N1 58C F . -8.72 -1.47 1.57
C8 58C F . -6.31 -1.80 2.18
C9 58C F . -5.69 -4.11 4.09
C10 58C F . -5.84 -2.66 4.48
C11 58C F . -7.05 -4.81 3.95
C12 58C F . -7.98 -4.68 5.18
C13 58C F . -7.96 -3.23 5.68
C14 58C F . -6.53 -2.68 5.83
C15 58C F . -13.10 -1.28 2.56
N3 58C F . -11.08 -1.13 0.99
C16 58C F . -11.77 -1.66 2.20
C17 58C F . -13.79 -1.75 3.68
C18 58C F . -13.20 -2.67 4.59
C19 58C F . -11.16 -2.56 3.08
N4 58C F . -13.57 -3.35 5.79
N5 58C F . -11.45 -3.94 5.19
O2 58C F . -9.28 -5.01 4.82
C1 58C G . -6.59 7.48 -38.97
C2 58C G . -7.15 8.70 -39.45
C3 58C G . -7.36 6.31 -39.24
C4 58C G . -9.04 7.48 -40.33
C5 58C G . -4.64 8.60 -38.16
C6 58C G . -5.13 9.83 -38.69
C7 58C G . -5.35 7.46 -38.29
C20 58C G . -12.17 10.65 -41.18
C21 58C G . -13.40 12.52 -41.39
N2 58C G . -8.51 6.25 -39.88
O1 58C G . -7.15 11.07 -38.88
N1 58C G . -8.37 8.68 -40.12
C8 58C G . -6.41 9.96 -39.19
C9 58C G . -7.07 13.35 -38.15
C10 58C G . -6.73 12.39 -39.25
C11 58C G . -8.54 13.15 -37.77
C12 58C G . -9.53 13.41 -38.94
C13 58C G . -9.01 12.74 -40.23
C14 58C G . -7.48 12.91 -40.45
C15 58C G . -12.28 8.26 -42.33
N3 58C G . -10.28 7.41 -41.01
C16 58C G . -11.24 8.46 -41.36
C17 58C G . -13.22 9.21 -42.69
C18 58C G . -13.22 10.51 -42.13
C19 58C G . -11.23 9.72 -40.78
N4 58C G . -13.99 11.71 -42.25
N5 58C G . -12.32 12.00 -40.71
O2 58C G . -10.80 12.93 -38.63
S SO4 H . -0.51 16.43 -9.96
O1 SO4 H . -1.77 16.13 -10.65
O2 SO4 H . -0.18 15.31 -9.07
O3 SO4 H . 0.55 16.58 -10.95
O4 SO4 H . -0.63 17.66 -9.18
S SO4 I . 9.04 -5.71 -45.84
O1 SO4 I . 8.71 -5.13 -44.53
O2 SO4 I . 8.14 -6.84 -46.09
O3 SO4 I . 10.42 -6.18 -45.83
O4 SO4 I . 8.89 -4.72 -46.89
#